data_5T58
#
_entry.id   5T58
#
_cell.length_a   58.750
_cell.length_b   172.570
_cell.length_c   59.480
_cell.angle_alpha   90.00
_cell.angle_beta   110.46
_cell.angle_gamma   90.00
#
_symmetry.space_group_name_H-M   'P 1 21 1'
#
loop_
_entity.id
_entity.type
_entity.pdbx_description
1 polymer KLLA0F02343p
2 polymer KLLA0E05809p
3 polymer KLLA0D15741p
4 polymer KLLA0C15939p
#
loop_
_entity_poly.entity_id
_entity_poly.type
_entity_poly.pdbx_seq_one_letter_code
_entity_poly.pdbx_strand_id
1 'polypeptide(L)'
;ATTPTMQSTSLLTEHLGYPPISLVDDIINAVNEIMYKCTNAMEKYLMQRNIIGKKDFSDEIKIGTAKLESLLENSVDKNF
DKLELYVLRNILSIPSDLLEENRFRLLHHEKLVLTDSATRAHTDTSIEQKLQEIERQYQLNVMLRDRIQNTKELLTEVVQ
FKKKVIDLLRCDDNLTTALHELWDDLKPLDVAVKLITTRLKQIYLENEEFYSIDQVNRLVKRYNELRNTSIVR
;
A
2 'polypeptide(L)'
;MSVDRYSGMEGTEHIRFQRLVQVCNKALEESIRKLQSWEKIHECFPNYGQTREGIENLTVCQQQVIKLWSNLSRVEFDAI
FHERSIEEKLNQLDDLINKARSIDTSSSSKKLRKIDDLRPLELIEGNLQGAKESTLERINNKLQIIKESNEALETNLKDL
NDNIFQELDQLQQVYDDMLNEKSMLPDETIKQAVSDMIIESRQTS
;
B
3 'polypeptide(L)'
;QLNDIISPHKDVHESEFYRYMNNSFAQDLKMKQLMNWCLIRALRKLEIKNSQNKSESRKITLTILKDFVRDIRKGSHDID
W(UNK)(UNK)(UNK)(UNK)(UNK)(UNK)(UNK)(UNK)(UNK)(UNK)(UNK)(UNK)(UNK)(UNK)(UNK)
(UNK)(UNK)(UNK)(UNK)(UNK)(UNK)(UNK)(UNK)(UNK)(UNK)(UNK)(UNK)(UNK)(UNK)(UNK)(UNK)
(UNK)(UNK)(UNK)(UNK)(UNK)(UNK)(UNK)(UNK)(UNK)(UNK)(UNK)PPIKLAKIPNEKNIQNKENAKILEE
KIKTIKNEIEQWSKDLSDVKIPSYELPKSQTSIVKLPDNLQLTATTKESIHSDFQKRVDGLQETTRLLKSSSILLNETAG
MKLQRLNGCIVKKRPEDKNSTK
;
D
4 'polypeptide(L)'
;MSSYVDKLDITQKQLRFLHKQFKEIIDEKVRTALPESSEDDQVSQEIQLQLDQFLMDVLEMAGESMNVVDAGKGTTVKSV
IQEVQKEYTEPFDVELNEKVRKLYQEWEDETVKVSKLRREAPQVAVSEYTKQENQLLEEIDSLIAKMDSSQPNLQNEDQD
EGQNEEKTQEYWNQVANQYGSILTSLKEINDKIPTHESKQKRLRLLLDLIEKEVAT
;
N
#
# COMPACT_ATOMS: atom_id res chain seq x y z
N ALA A 1 -1.47 25.32 14.96
CA ALA A 1 -0.24 24.55 14.63
C ALA A 1 -0.15 23.27 15.46
N THR A 2 -1.14 23.04 16.32
CA THR A 2 -1.13 21.91 17.24
C THR A 2 0.13 21.94 18.09
N THR A 3 1.19 21.28 17.61
CA THR A 3 2.49 21.26 18.27
C THR A 3 3.37 20.24 17.53
N PRO A 4 4.43 20.68 16.85
CA PRO A 4 5.31 19.71 16.19
C PRO A 4 5.81 18.61 17.11
N THR A 5 6.00 18.90 18.39
CA THR A 5 6.39 17.87 19.34
C THR A 5 5.27 16.85 19.53
N MET A 6 4.03 17.33 19.69
CA MET A 6 2.90 16.42 19.76
C MET A 6 2.79 15.56 18.51
N GLN A 7 3.08 16.16 17.36
CA GLN A 7 3.05 15.42 16.11
C GLN A 7 4.11 14.33 16.09
N SER A 8 5.33 14.65 16.53
CA SER A 8 6.39 13.64 16.62
C SER A 8 6.03 12.55 17.61
N THR A 9 5.33 12.89 18.70
CA THR A 9 4.95 11.89 19.67
C THR A 9 3.78 11.04 19.21
N SER A 10 2.96 11.54 18.29
CA SER A 10 1.91 10.70 17.71
C SER A 10 2.47 9.77 16.66
N LEU A 11 3.30 10.30 15.75
CA LEU A 11 3.90 9.48 14.72
C LEU A 11 4.85 8.45 15.32
N LEU A 12 5.56 8.82 16.39
CA LEU A 12 6.47 7.90 17.05
C LEU A 12 5.73 6.95 17.97
N THR A 13 4.73 7.45 18.70
CA THR A 13 3.89 6.56 19.50
C THR A 13 3.22 5.51 18.62
N GLU A 14 2.93 5.84 17.36
CA GLU A 14 2.32 4.88 16.45
C GLU A 14 3.36 3.94 15.84
N HIS A 15 4.44 4.51 15.28
CA HIS A 15 5.53 3.70 14.74
C HIS A 15 6.00 2.68 15.76
N LEU A 16 6.53 3.16 16.89
CA LEU A 16 7.01 2.28 17.94
C LEU A 16 5.94 1.27 18.35
N GLY A 17 4.70 1.71 18.42
CA GLY A 17 3.64 0.94 19.04
C GLY A 17 3.51 1.18 20.53
N TYR A 18 4.46 1.89 21.14
CA TYR A 18 4.47 2.17 22.56
C TYR A 18 4.99 3.58 22.78
N PRO A 19 4.48 4.29 23.79
CA PRO A 19 4.95 5.65 24.05
C PRO A 19 6.46 5.69 24.28
N PRO A 20 7.13 6.74 23.79
CA PRO A 20 8.58 6.86 24.10
C PRO A 20 8.88 6.85 25.59
N ILE A 21 8.07 7.55 26.40
CA ILE A 21 8.33 7.62 27.83
C ILE A 21 8.31 6.23 28.45
N SER A 22 7.57 5.30 27.85
CA SER A 22 7.49 3.95 28.40
C SER A 22 8.87 3.30 28.45
N LEU A 23 9.67 3.46 27.40
CA LEU A 23 11.01 2.87 27.37
C LEU A 23 11.86 3.41 28.52
N VAL A 24 12.04 4.74 28.57
CA VAL A 24 12.89 5.33 29.59
C VAL A 24 12.38 4.97 30.98
N ASP A 25 11.05 4.84 31.15
CA ASP A 25 10.53 4.45 32.45
C ASP A 25 10.88 3.00 32.78
N ASP A 26 10.91 2.12 31.78
CA ASP A 26 11.36 0.76 32.01
C ASP A 26 12.83 0.75 32.41
N ILE A 27 13.65 1.57 31.74
CA ILE A 27 15.06 1.68 32.11
C ILE A 27 15.20 2.12 33.56
N ILE A 28 14.56 3.24 33.91
CA ILE A 28 14.66 3.78 35.27
C ILE A 28 14.19 2.74 36.28
N ASN A 29 12.91 2.35 36.20
CA ASN A 29 12.36 1.42 37.16
C ASN A 29 13.25 0.18 37.29
N ALA A 30 13.81 -0.29 36.18
CA ALA A 30 14.71 -1.45 36.23
C ALA A 30 15.94 -1.14 37.07
N VAL A 31 16.68 -0.08 36.70
CA VAL A 31 17.91 0.25 37.41
C VAL A 31 17.65 0.44 38.90
N ASN A 32 16.66 1.29 39.23
CA ASN A 32 16.35 1.51 40.64
C ASN A 32 15.94 0.22 41.33
N GLU A 33 15.30 -0.71 40.61
CA GLU A 33 15.05 -2.03 41.18
C GLU A 33 16.35 -2.71 41.55
N ILE A 34 17.36 -2.60 40.69
CA ILE A 34 18.67 -3.17 41.02
C ILE A 34 19.29 -2.42 42.19
N MET A 35 18.97 -1.13 42.33
CA MET A 35 19.47 -0.33 43.44
C MET A 35 18.88 -0.82 44.76
N TYR A 36 17.59 -1.14 44.77
CA TYR A 36 16.96 -1.61 46.00
C TYR A 36 17.39 -3.04 46.33
N LYS A 37 17.32 -3.94 45.35
CA LYS A 37 17.76 -5.31 45.56
C LYS A 37 19.20 -5.34 46.05
N CYS A 38 20.08 -4.56 45.43
CA CYS A 38 21.48 -4.55 45.83
C CYS A 38 21.72 -3.81 47.13
N THR A 39 20.86 -2.86 47.48
CA THR A 39 20.99 -2.18 48.77
C THR A 39 20.63 -3.12 49.91
N ASN A 40 19.38 -3.59 49.93
CA ASN A 40 18.96 -4.50 50.99
C ASN A 40 19.66 -5.86 50.89
N ALA A 41 20.32 -6.15 49.77
CA ALA A 41 21.14 -7.37 49.67
C ALA A 41 22.56 -7.14 50.16
N MET A 42 23.12 -5.94 49.96
CA MET A 42 24.36 -5.59 50.62
C MET A 42 24.18 -5.62 52.14
N GLU A 43 23.14 -4.95 52.62
CA GLU A 43 22.76 -4.97 54.03
C GLU A 43 22.55 -6.40 54.52
N LYS A 44 21.52 -7.07 53.99
CA LYS A 44 21.21 -8.46 54.35
C LYS A 44 22.45 -9.34 54.34
N TYR A 45 23.00 -9.59 53.16
CA TYR A 45 24.15 -10.47 53.00
C TYR A 45 25.41 -9.94 53.67
N LEU A 46 25.36 -8.78 54.32
CA LEU A 46 26.44 -8.33 55.20
C LEU A 46 26.13 -8.50 56.68
N MET A 47 24.86 -8.70 57.04
CA MET A 47 24.49 -8.89 58.45
C MET A 47 25.34 -9.98 59.10
N GLN A 48 25.71 -11.00 58.33
CA GLN A 48 26.58 -12.06 58.85
C GLN A 48 28.00 -11.58 59.12
N ARG A 49 28.38 -10.40 58.62
CA ARG A 49 29.71 -9.85 58.83
C ARG A 49 29.73 -8.76 59.90
N ASN A 50 28.65 -8.64 60.70
CA ASN A 50 28.56 -7.55 61.67
C ASN A 50 29.61 -7.69 62.76
N ILE A 51 29.69 -8.87 63.38
CA ILE A 51 30.65 -9.07 64.48
C ILE A 51 32.05 -9.19 63.90
N ILE A 52 32.98 -8.41 64.47
CA ILE A 52 34.39 -8.52 64.10
C ILE A 52 35.20 -8.85 65.34
N GLY A 53 35.19 -10.13 65.73
CA GLY A 53 35.95 -10.58 66.88
C GLY A 53 35.16 -10.60 68.17
N LYS A 54 35.24 -9.52 68.95
CA LYS A 54 34.62 -9.46 70.27
C LYS A 54 33.38 -8.56 70.25
N LYS A 55 33.55 -7.27 70.02
CA LYS A 55 32.43 -6.34 70.15
C LYS A 55 31.47 -6.48 68.96
N ASP A 56 30.41 -5.69 69.00
CA ASP A 56 29.32 -5.76 68.02
C ASP A 56 29.29 -4.49 67.19
N PHE A 57 29.24 -4.65 65.86
CA PHE A 57 29.08 -3.55 64.94
C PHE A 57 27.71 -3.55 64.26
N SER A 58 26.74 -4.27 64.84
CA SER A 58 25.40 -4.33 64.28
C SER A 58 24.64 -3.01 64.40
N ASP A 59 25.24 -1.99 64.99
CA ASP A 59 24.61 -0.69 65.14
C ASP A 59 25.16 0.36 64.17
N GLU A 60 26.16 0.01 63.35
CA GLU A 60 26.80 0.95 62.44
C GLU A 60 26.87 0.32 61.04
N ILE A 61 25.70 0.20 60.40
CA ILE A 61 25.61 -0.28 59.03
C ILE A 61 24.44 0.41 58.33
N LYS A 62 23.32 0.55 59.05
CA LYS A 62 22.11 1.09 58.46
C LYS A 62 22.26 2.56 58.08
N ILE A 63 23.21 3.27 58.71
CA ILE A 63 23.50 4.63 58.27
C ILE A 63 24.15 4.63 56.89
N GLY A 64 25.09 3.71 56.66
CA GLY A 64 25.65 3.57 55.33
C GLY A 64 24.62 3.14 54.31
N THR A 65 23.78 2.18 54.67
CA THR A 65 22.69 1.76 53.78
C THR A 65 21.82 2.95 53.39
N ALA A 66 21.26 3.64 54.38
CA ALA A 66 20.34 4.74 54.10
C ALA A 66 21.02 5.85 53.31
N LYS A 67 22.19 6.30 53.77
CA LYS A 67 22.87 7.41 53.12
C LYS A 67 23.26 7.06 51.69
N LEU A 68 24.08 6.03 51.51
CA LEU A 68 24.45 5.61 50.16
C LEU A 68 23.22 5.45 49.28
N GLU A 69 22.17 4.82 49.82
CA GLU A 69 20.90 4.68 49.12
C GLU A 69 20.45 6.04 48.57
N SER A 70 20.05 6.96 49.46
CA SER A 70 19.54 8.25 49.00
C SER A 70 20.50 8.92 48.01
N LEU A 71 21.80 8.88 48.31
CA LEU A 71 22.80 9.51 47.46
C LEU A 71 22.67 9.02 46.02
N LEU A 72 22.79 7.71 45.81
CA LEU A 72 22.73 7.21 44.44
C LEU A 72 21.32 7.20 43.87
N GLU A 73 20.29 7.27 44.70
CA GLU A 73 18.93 7.47 44.20
C GLU A 73 18.81 8.83 43.51
N ASN A 74 19.29 9.88 44.18
CA ASN A 74 19.25 11.20 43.57
C ASN A 74 20.21 11.29 42.38
N SER A 75 21.44 10.80 42.56
CA SER A 75 22.44 10.87 41.50
C SER A 75 21.97 10.14 40.25
N VAL A 76 21.60 8.87 40.38
CA VAL A 76 21.11 8.11 39.24
C VAL A 76 19.84 8.74 38.67
N ASP A 77 18.92 9.13 39.55
CA ASP A 77 17.67 9.73 39.09
C ASP A 77 17.95 10.90 38.16
N LYS A 78 18.86 11.78 38.54
CA LYS A 78 19.14 12.95 37.72
C LYS A 78 19.96 12.60 36.48
N ASN A 79 20.93 11.70 36.62
CA ASN A 79 21.72 11.26 35.48
C ASN A 79 20.82 10.73 34.37
N PHE A 80 19.87 9.85 34.73
CA PHE A 80 18.93 9.33 33.75
C PHE A 80 17.81 10.29 33.43
N ASP A 81 17.63 11.37 34.20
CA ASP A 81 16.85 12.49 33.71
C ASP A 81 17.54 13.10 32.50
N LYS A 82 18.85 13.29 32.58
CA LYS A 82 19.60 13.74 31.41
C LYS A 82 19.57 12.71 30.30
N LEU A 83 19.59 11.42 30.66
CA LEU A 83 19.38 10.37 29.66
C LEU A 83 18.08 10.63 28.91
N GLU A 84 16.94 10.48 29.60
CA GLU A 84 15.65 10.58 28.93
C GLU A 84 15.53 11.89 28.16
N LEU A 85 16.09 12.97 28.68
CA LEU A 85 16.14 14.22 27.93
C LEU A 85 16.89 14.01 26.61
N TYR A 86 18.00 13.28 26.63
CA TYR A 86 18.73 13.03 25.39
C TYR A 86 17.97 12.09 24.46
N VAL A 87 17.21 11.15 25.01
CA VAL A 87 16.50 10.19 24.18
C VAL A 87 15.32 10.87 23.47
N LEU A 88 14.52 11.61 24.23
CA LEU A 88 13.33 12.25 23.70
C LEU A 88 13.64 13.51 22.90
N ARG A 89 14.90 13.93 22.87
CA ARG A 89 15.30 15.17 22.18
C ARG A 89 16.14 14.93 20.95
N ASN A 90 17.12 14.03 21.01
CA ASN A 90 17.95 13.70 19.85
C ASN A 90 17.51 12.40 19.19
N ILE A 91 17.50 11.31 19.95
CA ILE A 91 17.14 10.00 19.41
C ILE A 91 15.71 10.01 18.89
N LEU A 92 14.75 10.14 19.79
CA LEU A 92 13.33 10.00 19.44
C LEU A 92 12.69 11.34 19.06
N SER A 93 13.41 12.21 18.37
CA SER A 93 12.88 13.47 17.88
C SER A 93 12.88 13.48 16.37
N ILE A 94 11.95 14.25 15.80
CA ILE A 94 11.79 14.34 14.34
C ILE A 94 12.00 15.79 13.95
N PRO A 95 12.70 16.08 12.84
CA PRO A 95 12.86 17.47 12.42
C PRO A 95 11.53 18.09 11.99
N SER A 96 11.29 19.32 12.45
CA SER A 96 10.05 20.00 12.11
C SER A 96 9.96 20.25 10.61
N ASP A 97 11.10 20.35 9.93
CA ASP A 97 11.07 20.44 8.47
C ASP A 97 10.14 19.40 7.89
N LEU A 98 10.42 18.12 8.15
CA LEU A 98 9.66 17.04 7.53
C LEU A 98 8.18 17.12 7.89
N LEU A 99 7.87 17.34 9.16
CA LEU A 99 6.48 17.41 9.59
C LEU A 99 5.74 18.54 8.86
N GLU A 100 6.42 19.67 8.67
CA GLU A 100 5.80 20.79 7.96
C GLU A 100 5.64 20.49 6.48
N GLU A 101 6.68 19.90 5.86
CA GLU A 101 6.68 19.66 4.43
C GLU A 101 5.63 18.65 4.01
N ASN A 102 5.07 17.89 4.95
CA ASN A 102 4.12 16.83 4.66
C ASN A 102 4.82 15.61 4.08
N ARG A 103 6.14 15.55 4.27
CA ARG A 103 6.97 14.53 3.66
C ARG A 103 7.25 13.34 4.57
N PHE A 104 6.94 13.43 5.86
CA PHE A 104 7.23 12.31 6.75
C PHE A 104 6.02 11.40 6.83
N ARG A 105 6.27 10.11 6.58
CA ARG A 105 5.23 9.11 6.48
C ARG A 105 5.75 7.81 7.09
N LEU A 106 4.88 6.81 7.15
CA LEU A 106 5.16 5.57 7.86
C LEU A 106 4.96 4.38 6.93
N LEU A 107 5.30 3.19 7.43
CA LEU A 107 5.13 1.98 6.64
C LEU A 107 3.66 1.77 6.27
N HIS A 108 2.74 2.10 7.19
CA HIS A 108 1.31 1.99 6.91
C HIS A 108 1.00 2.48 5.52
N HIS A 109 1.74 3.50 5.09
CA HIS A 109 1.32 4.44 4.08
C HIS A 109 1.80 4.08 2.68
N GLU A 110 1.74 2.79 2.30
CA GLU A 110 1.63 2.48 0.88
C GLU A 110 0.42 3.20 0.31
N LYS A 111 -0.61 3.36 1.13
CA LYS A 111 -1.75 4.23 0.92
C LYS A 111 -1.41 5.49 0.16
N LEU A 112 -2.30 5.90 -0.73
CA LEU A 112 -2.35 7.26 -1.25
C LEU A 112 -3.80 7.73 -1.22
N VAL A 113 -4.00 8.96 -0.79
CA VAL A 113 -5.35 9.50 -0.62
C VAL A 113 -5.53 10.73 -1.48
N LEU A 114 -6.66 11.40 -1.28
CA LEU A 114 -7.01 12.66 -1.90
C LEU A 114 -8.51 12.83 -1.77
N THR A 115 -9.03 13.95 -2.25
CA THR A 115 -10.44 14.08 -2.59
C THR A 115 -11.04 12.71 -2.89
N ASP A 116 -11.37 11.95 -1.84
CA ASP A 116 -11.80 10.55 -2.02
C ASP A 116 -12.80 10.40 -3.15
N SER A 117 -13.64 11.42 -3.36
CA SER A 117 -14.63 11.36 -4.43
C SER A 117 -13.97 11.08 -5.78
N ALA A 118 -12.92 11.83 -6.11
CA ALA A 118 -12.28 11.70 -7.42
C ALA A 118 -11.81 10.26 -7.65
N THR A 119 -10.94 9.76 -6.77
CA THR A 119 -10.38 8.43 -6.97
C THR A 119 -11.44 7.34 -6.91
N ARG A 120 -12.47 7.50 -6.08
CA ARG A 120 -13.49 6.46 -6.01
C ARG A 120 -14.32 6.41 -7.28
N ALA A 121 -14.79 7.58 -7.74
CA ALA A 121 -15.61 7.62 -8.94
C ALA A 121 -14.81 7.21 -10.17
N HIS A 122 -13.68 7.86 -10.41
CA HIS A 122 -12.86 7.53 -11.56
C HIS A 122 -12.39 6.08 -11.50
N THR A 123 -12.05 5.61 -10.30
CA THR A 123 -11.66 4.21 -10.13
C THR A 123 -12.77 3.28 -10.60
N ASP A 124 -13.89 3.28 -9.86
CA ASP A 124 -14.99 2.38 -10.20
C ASP A 124 -15.33 2.47 -11.68
N THR A 125 -15.47 3.71 -12.18
CA THR A 125 -15.73 3.93 -13.61
C THR A 125 -14.74 3.15 -14.46
N SER A 126 -13.49 3.61 -14.48
CA SER A 126 -12.46 3.01 -15.32
C SER A 126 -12.52 1.49 -15.23
N ILE A 127 -12.55 0.95 -14.01
CA ILE A 127 -12.61 -0.51 -13.84
C ILE A 127 -13.77 -1.08 -14.64
N GLU A 128 -14.94 -0.44 -14.56
CA GLU A 128 -16.12 -0.94 -15.27
C GLU A 128 -15.88 -0.93 -16.79
N GLN A 129 -15.38 0.17 -17.33
CA GLN A 129 -15.02 0.16 -18.76
C GLN A 129 -14.12 -1.02 -19.08
N LYS A 130 -13.10 -1.24 -18.25
CA LYS A 130 -12.19 -2.37 -18.50
C LYS A 130 -12.96 -3.68 -18.55
N LEU A 131 -13.93 -3.88 -17.65
CA LEU A 131 -14.69 -5.13 -17.63
C LEU A 131 -15.47 -5.31 -18.92
N GLN A 132 -16.27 -4.30 -19.30
CA GLN A 132 -17.07 -4.45 -20.51
C GLN A 132 -16.17 -4.67 -21.72
N GLU A 133 -15.02 -4.00 -21.77
CA GLU A 133 -14.07 -4.24 -22.86
C GLU A 133 -13.57 -5.67 -22.85
N ILE A 134 -13.36 -6.24 -21.65
CA ILE A 134 -13.00 -7.65 -21.56
C ILE A 134 -14.07 -8.50 -22.24
N GLU A 135 -15.32 -8.31 -21.84
CA GLU A 135 -16.41 -9.06 -22.47
C GLU A 135 -16.34 -8.95 -24.00
N ARG A 136 -16.24 -7.72 -24.50
CA ARG A 136 -16.15 -7.51 -25.95
C ARG A 136 -15.02 -8.33 -26.56
N GLN A 137 -13.81 -8.21 -26.00
CA GLN A 137 -12.67 -8.93 -26.57
C GLN A 137 -12.92 -10.44 -26.57
N TYR A 138 -13.60 -10.96 -25.56
CA TYR A 138 -13.92 -12.39 -25.52
C TYR A 138 -14.84 -12.78 -26.66
N GLN A 139 -16.00 -12.13 -26.76
CA GLN A 139 -16.89 -12.38 -27.89
C GLN A 139 -16.14 -12.31 -29.20
N LEU A 140 -15.22 -11.35 -29.31
CA LEU A 140 -14.45 -11.19 -30.53
C LEU A 140 -13.54 -12.40 -30.76
N ASN A 141 -12.98 -12.96 -29.68
CA ASN A 141 -12.29 -14.24 -29.80
C ASN A 141 -13.21 -15.28 -30.44
N VAL A 142 -14.44 -15.39 -29.96
CA VAL A 142 -15.39 -16.33 -30.59
C VAL A 142 -15.44 -16.09 -32.08
N MET A 143 -15.57 -14.82 -32.49
CA MET A 143 -15.53 -14.51 -33.92
C MET A 143 -14.27 -15.07 -34.57
N LEU A 144 -13.14 -15.01 -33.86
CA LEU A 144 -11.91 -15.59 -34.40
C LEU A 144 -12.05 -17.09 -34.61
N ARG A 145 -12.70 -17.80 -33.69
CA ARG A 145 -13.01 -19.20 -33.95
C ARG A 145 -13.78 -19.35 -35.26
N ASP A 146 -14.90 -18.63 -35.38
CA ASP A 146 -15.70 -18.69 -36.60
C ASP A 146 -14.82 -18.57 -37.85
N ARG A 147 -13.99 -17.53 -37.90
CA ARG A 147 -13.21 -17.28 -39.10
C ARG A 147 -12.05 -18.26 -39.28
N ILE A 148 -11.57 -18.88 -38.20
CA ILE A 148 -10.61 -19.97 -38.35
C ILE A 148 -11.25 -21.15 -39.06
N GLN A 149 -12.37 -21.64 -38.51
CA GLN A 149 -13.08 -22.74 -39.16
C GLN A 149 -13.39 -22.41 -40.61
N ASN A 150 -13.94 -21.23 -40.85
CA ASN A 150 -14.17 -20.80 -42.23
C ASN A 150 -12.89 -20.93 -43.05
N THR A 151 -11.78 -20.41 -42.53
CA THR A 151 -10.50 -20.47 -43.22
C THR A 151 -10.18 -21.89 -43.67
N LYS A 152 -10.00 -22.80 -42.71
CA LYS A 152 -9.57 -24.15 -43.06
C LYS A 152 -10.57 -24.83 -43.98
N GLU A 153 -11.87 -24.69 -43.70
CA GLU A 153 -12.89 -25.19 -44.61
C GLU A 153 -12.59 -24.77 -46.04
N LEU A 154 -12.37 -23.47 -46.26
CA LEU A 154 -12.03 -23.00 -47.60
C LEU A 154 -10.70 -23.56 -48.08
N LEU A 155 -9.80 -23.92 -47.16
CA LEU A 155 -8.57 -24.58 -47.56
C LEU A 155 -8.88 -25.89 -48.28
N THR A 156 -9.50 -26.84 -47.56
CA THR A 156 -9.80 -28.14 -48.16
C THR A 156 -10.68 -27.96 -49.40
N GLU A 157 -11.74 -27.17 -49.27
CA GLU A 157 -12.68 -26.98 -50.37
C GLU A 157 -11.97 -26.49 -51.64
N VAL A 158 -11.10 -25.49 -51.48
CA VAL A 158 -10.43 -24.92 -52.64
C VAL A 158 -9.41 -25.90 -53.21
N VAL A 159 -8.55 -26.47 -52.35
CA VAL A 159 -7.52 -27.37 -52.86
C VAL A 159 -8.16 -28.50 -53.64
N GLN A 160 -9.19 -29.14 -53.07
CA GLN A 160 -9.85 -30.23 -53.76
C GLN A 160 -10.55 -29.75 -55.03
N PHE A 161 -11.13 -28.54 -54.98
CA PHE A 161 -11.84 -28.04 -56.15
C PHE A 161 -10.89 -27.79 -57.32
N LYS A 162 -9.68 -27.30 -57.04
CA LYS A 162 -8.76 -26.96 -58.13
C LYS A 162 -7.98 -28.19 -58.60
N LYS A 163 -7.40 -28.97 -57.69
CA LYS A 163 -6.79 -30.21 -58.16
C LYS A 163 -7.85 -31.10 -58.81
N LYS A 164 -9.12 -30.83 -58.55
CA LYS A 164 -10.20 -31.42 -59.33
C LYS A 164 -10.26 -30.84 -60.73
N VAL A 165 -10.40 -29.52 -60.84
CA VAL A 165 -10.51 -28.88 -62.16
C VAL A 165 -9.34 -29.26 -63.06
N ILE A 166 -8.20 -29.61 -62.47
CA ILE A 166 -7.04 -29.98 -63.29
C ILE A 166 -6.93 -31.49 -63.40
N ASP A 167 -7.47 -32.22 -62.42
CA ASP A 167 -7.65 -33.66 -62.56
C ASP A 167 -8.96 -33.97 -63.28
N LEU A 168 -9.40 -33.04 -64.14
CA LEU A 168 -10.66 -33.19 -64.86
C LEU A 168 -10.59 -32.47 -66.19
N LEU A 169 -10.41 -31.14 -66.15
CA LEU A 169 -10.45 -30.34 -67.36
C LEU A 169 -9.23 -30.61 -68.24
N ARG A 170 -8.04 -30.60 -67.64
CA ARG A 170 -6.80 -30.82 -68.38
C ARG A 170 -6.64 -32.24 -68.91
N CYS A 171 -7.65 -33.10 -68.80
CA CYS A 171 -7.56 -34.51 -69.18
C CYS A 171 -6.53 -35.27 -68.37
N ASP A 172 -6.08 -34.71 -67.25
CA ASP A 172 -5.11 -35.35 -66.36
C ASP A 172 -5.83 -36.10 -65.24
N ASP A 173 -6.79 -36.96 -65.56
CA ASP A 173 -7.67 -37.52 -64.55
C ASP A 173 -7.12 -38.78 -63.92
N ASN A 174 -7.86 -39.24 -62.91
CA ASN A 174 -7.61 -40.47 -62.18
C ASN A 174 -8.64 -41.54 -62.46
N LEU A 175 -9.87 -41.14 -62.72
CA LEU A 175 -10.97 -42.04 -63.03
C LEU A 175 -11.56 -41.80 -64.41
N THR A 176 -11.83 -40.54 -64.79
CA THR A 176 -12.59 -40.27 -65.99
C THR A 176 -11.72 -39.77 -67.14
N THR A 177 -11.56 -38.45 -67.26
CA THR A 177 -11.07 -37.84 -68.50
C THR A 177 -9.55 -38.00 -68.58
N ALA A 178 -9.13 -39.21 -68.95
CA ALA A 178 -7.86 -39.41 -69.61
C ALA A 178 -8.06 -39.61 -71.11
N LEU A 179 -9.01 -40.47 -71.47
CA LEU A 179 -9.47 -40.62 -72.85
C LEU A 179 -8.28 -40.73 -73.79
N HIS A 180 -8.05 -39.68 -74.59
CA HIS A 180 -6.81 -39.53 -75.33
C HIS A 180 -6.45 -38.05 -75.30
N GLU A 181 -5.16 -37.77 -75.41
CA GLU A 181 -4.71 -36.39 -75.45
C GLU A 181 -4.82 -35.80 -76.85
N LEU A 182 -5.30 -36.54 -77.84
CA LEU A 182 -5.48 -35.97 -79.17
C LEU A 182 -6.52 -34.85 -79.14
N TRP A 183 -7.60 -35.03 -78.40
CA TRP A 183 -8.60 -33.98 -78.28
C TRP A 183 -7.96 -32.68 -77.78
N ASP A 184 -7.12 -32.79 -76.75
CA ASP A 184 -6.58 -31.62 -76.06
C ASP A 184 -5.25 -31.15 -76.65
N ASP A 185 -4.70 -31.86 -77.63
CA ASP A 185 -3.41 -31.45 -78.21
C ASP A 185 -3.51 -30.08 -78.88
N LEU A 186 -4.72 -29.68 -79.27
CA LEU A 186 -4.99 -28.28 -79.62
C LEU A 186 -5.71 -27.68 -78.43
N LYS A 187 -4.92 -27.31 -77.42
CA LYS A 187 -5.47 -26.90 -76.14
C LYS A 187 -6.37 -25.66 -76.21
N PRO A 188 -6.16 -24.68 -77.10
CA PRO A 188 -7.09 -23.54 -77.12
C PRO A 188 -8.46 -23.90 -77.69
N LEU A 189 -9.44 -24.06 -76.79
CA LEU A 189 -10.80 -24.38 -77.22
C LEU A 189 -11.40 -23.21 -78.00
N ASP A 190 -11.08 -21.99 -77.60
CA ASP A 190 -11.68 -20.80 -78.21
C ASP A 190 -11.45 -20.77 -79.71
N VAL A 191 -10.19 -20.84 -80.13
CA VAL A 191 -9.89 -20.74 -81.56
C VAL A 191 -10.59 -21.86 -82.32
N ALA A 192 -10.69 -23.05 -81.73
CA ALA A 192 -11.37 -24.16 -82.37
C ALA A 192 -12.83 -23.82 -82.63
N VAL A 193 -13.57 -23.48 -81.56
CA VAL A 193 -14.99 -23.18 -81.71
C VAL A 193 -15.19 -22.03 -82.69
N LYS A 194 -14.27 -21.06 -82.69
CA LYS A 194 -14.35 -19.97 -83.66
C LYS A 194 -14.25 -20.49 -85.09
N LEU A 195 -13.20 -21.26 -85.38
CA LEU A 195 -13.00 -21.76 -86.74
C LEU A 195 -14.20 -22.57 -87.21
N ILE A 196 -14.56 -23.61 -86.45
CA ILE A 196 -15.68 -24.45 -86.88
C ILE A 196 -16.95 -23.62 -87.01
N THR A 197 -17.15 -22.67 -86.10
CA THR A 197 -18.34 -21.83 -86.16
C THR A 197 -18.39 -21.05 -87.45
N THR A 198 -17.28 -20.42 -87.83
CA THR A 198 -17.29 -19.55 -89.01
C THR A 198 -17.37 -20.34 -90.30
N ARG A 199 -16.60 -21.43 -90.41
CA ARG A 199 -16.72 -22.26 -91.61
C ARG A 199 -18.14 -22.80 -91.74
N LEU A 200 -18.74 -23.20 -90.63
CA LEU A 200 -20.15 -23.58 -90.64
C LEU A 200 -21.03 -22.43 -91.11
N LYS A 201 -20.72 -21.19 -90.72
CA LYS A 201 -21.43 -20.05 -91.27
C LYS A 201 -21.37 -20.05 -92.79
N GLN A 202 -20.15 -20.11 -93.33
CA GLN A 202 -19.99 -20.09 -94.78
C GLN A 202 -20.83 -21.17 -95.44
N ILE A 203 -20.85 -22.37 -94.85
CA ILE A 203 -21.72 -23.42 -95.38
C ILE A 203 -23.17 -22.96 -95.36
N TYR A 204 -23.60 -22.39 -94.22
CA TYR A 204 -24.99 -21.93 -94.10
C TYR A 204 -25.33 -20.91 -95.17
N LEU A 205 -24.34 -20.14 -95.63
CA LEU A 205 -24.55 -19.33 -96.83
C LEU A 205 -24.70 -20.20 -98.07
N GLU A 206 -23.78 -21.15 -98.26
CA GLU A 206 -23.80 -21.96 -99.46
C GLU A 206 -25.09 -22.74 -99.62
N ASN A 207 -25.86 -22.92 -98.55
CA ASN A 207 -27.19 -23.50 -98.67
C ASN A 207 -28.29 -22.45 -98.67
N GLU A 208 -28.16 -21.38 -97.89
CA GLU A 208 -29.16 -20.33 -97.87
C GLU A 208 -29.24 -19.60 -99.21
N GLU A 209 -28.34 -19.95 -100.13
CA GLU A 209 -28.63 -19.75 -101.55
C GLU A 209 -29.78 -20.68 -101.89
N PHE A 210 -30.99 -20.12 -101.92
CA PHE A 210 -32.23 -20.81 -101.56
C PHE A 210 -32.54 -22.04 -102.42
N TYR A 211 -33.74 -22.11 -102.97
CA TYR A 211 -34.27 -23.34 -103.57
C TYR A 211 -34.40 -24.42 -102.49
N SER A 212 -35.51 -24.39 -101.76
CA SER A 212 -35.75 -25.26 -100.62
C SER A 212 -36.65 -26.43 -101.04
N ILE A 213 -37.12 -27.19 -100.05
CA ILE A 213 -37.87 -28.43 -100.27
C ILE A 213 -38.82 -28.34 -101.45
N ASP A 214 -39.63 -27.29 -101.51
CA ASP A 214 -40.61 -27.18 -102.59
C ASP A 214 -39.95 -26.86 -103.92
N GLN A 215 -39.03 -25.89 -103.92
CA GLN A 215 -38.32 -25.55 -105.16
C GLN A 215 -37.65 -26.78 -105.76
N VAL A 216 -36.99 -27.58 -104.92
CA VAL A 216 -36.16 -28.68 -105.42
C VAL A 216 -37.01 -29.90 -105.73
N ASN A 217 -37.89 -30.31 -104.81
CA ASN A 217 -38.73 -31.47 -105.07
C ASN A 217 -39.64 -31.21 -106.25
N ARG A 218 -40.21 -30.01 -106.34
CA ARG A 218 -41.05 -29.65 -107.47
C ARG A 218 -40.25 -29.56 -108.76
N LEU A 219 -39.10 -28.90 -108.71
CA LEU A 219 -38.23 -28.86 -109.89
C LEU A 219 -37.94 -30.27 -110.40
N VAL A 220 -37.65 -31.19 -109.48
CA VAL A 220 -37.46 -32.60 -109.80
C VAL A 220 -38.68 -33.15 -110.51
N LYS A 221 -39.81 -33.24 -109.80
CA LYS A 221 -40.96 -33.93 -110.37
C LYS A 221 -41.39 -33.31 -111.69
N ARG A 222 -41.23 -31.99 -111.84
CA ARG A 222 -41.39 -31.37 -113.15
C ARG A 222 -40.47 -32.02 -114.17
N TYR A 223 -39.16 -32.03 -113.88
CA TYR A 223 -38.20 -32.68 -114.76
C TYR A 223 -38.66 -34.08 -115.16
N ASN A 224 -38.81 -34.97 -114.18
CA ASN A 224 -39.18 -36.34 -114.48
C ASN A 224 -40.46 -36.41 -115.31
N GLU A 225 -41.46 -35.62 -114.94
CA GLU A 225 -42.72 -35.61 -115.68
C GLU A 225 -42.53 -35.15 -117.12
N LEU A 226 -41.44 -34.43 -117.42
CA LEU A 226 -41.14 -34.14 -118.82
C LEU A 226 -40.54 -35.33 -119.57
N ARG A 227 -40.43 -36.48 -118.92
CA ARG A 227 -40.13 -37.75 -119.58
C ARG A 227 -38.74 -37.79 -120.21
N ASN A 228 -38.28 -39.00 -120.54
CA ASN A 228 -36.91 -39.21 -121.01
C ASN A 228 -36.84 -40.49 -121.86
N THR A 229 -35.87 -41.35 -121.58
CA THR A 229 -35.64 -42.58 -122.33
C THR A 229 -36.02 -43.79 -121.48
N SER A 230 -36.44 -44.85 -122.16
CA SER A 230 -36.73 -46.13 -121.51
C SER A 230 -37.24 -47.12 -122.56
N ILE A 231 -36.54 -48.23 -122.85
CA ILE A 231 -35.32 -48.70 -122.19
C ILE A 231 -34.21 -48.71 -123.25
N VAL A 232 -32.96 -48.76 -122.79
CA VAL A 232 -31.81 -48.89 -123.67
C VAL A 232 -30.82 -49.87 -123.06
N ARG A 233 -29.89 -50.34 -123.90
CA ARG A 233 -28.84 -51.25 -123.44
C ARG A 233 -27.66 -50.47 -122.89
N GLY B 8 20.32 3.38 -1.53
CA GLY B 8 20.30 2.01 -1.08
C GLY B 8 20.33 1.88 0.44
N MET B 9 19.15 1.99 1.06
CA MET B 9 19.03 1.94 2.52
C MET B 9 20.01 2.92 3.15
N GLU B 10 19.61 4.19 3.22
CA GLU B 10 20.54 5.25 3.57
C GLU B 10 20.86 5.24 5.06
N GLY B 11 21.97 5.89 5.42
CA GLY B 11 22.43 5.94 6.78
C GLY B 11 22.93 4.63 7.34
N THR B 12 22.92 3.56 6.54
CA THR B 12 23.27 2.22 7.02
C THR B 12 22.37 1.83 8.19
N GLU B 13 21.10 2.23 8.12
CA GLU B 13 20.10 1.87 9.12
C GLU B 13 20.43 2.38 10.52
N HIS B 14 21.62 2.03 11.04
CA HIS B 14 21.98 2.32 12.42
C HIS B 14 22.09 3.81 12.70
N ILE B 15 23.12 4.23 13.44
CA ILE B 15 23.41 5.63 13.74
C ILE B 15 22.57 6.10 14.94
N ARG B 16 21.45 5.43 15.20
CA ARG B 16 20.53 5.87 16.24
C ARG B 16 20.50 4.92 17.44
N PHE B 17 20.17 3.64 17.20
CA PHE B 17 20.26 2.64 18.26
C PHE B 17 21.64 2.65 18.90
N GLN B 18 22.68 2.81 18.08
CA GLN B 18 24.05 2.93 18.59
C GLN B 18 24.13 4.06 19.62
N ARG B 19 23.65 5.24 19.26
CA ARG B 19 23.67 6.37 20.19
C ARG B 19 22.90 6.05 21.47
N LEU B 20 21.73 5.41 21.33
CA LEU B 20 20.99 5.00 22.53
C LEU B 20 21.88 4.20 23.47
N VAL B 21 22.53 3.16 22.94
CA VAL B 21 23.49 2.39 23.74
C VAL B 21 24.51 3.33 24.39
N GLN B 22 25.11 4.21 23.58
CA GLN B 22 26.12 5.14 24.09
C GLN B 22 25.61 5.86 25.34
N VAL B 23 24.56 6.65 25.20
CA VAL B 23 24.09 7.49 26.29
C VAL B 23 23.69 6.64 27.50
N CYS B 24 23.02 5.51 27.24
CA CYS B 24 22.59 4.65 28.35
C CYS B 24 23.79 4.18 29.18
N ASN B 25 24.74 3.51 28.52
CA ASN B 25 25.86 2.92 29.24
C ASN B 25 26.76 3.97 29.86
N LYS B 26 26.94 5.11 29.18
CA LYS B 26 27.73 6.20 29.76
C LYS B 26 27.06 6.76 31.00
N ALA B 27 25.74 6.95 30.96
CA ALA B 27 25.04 7.42 32.16
C ALA B 27 25.18 6.43 33.29
N LEU B 28 25.14 5.13 32.99
CA LEU B 28 25.32 4.11 34.03
C LEU B 28 26.71 4.20 34.65
N GLU B 29 27.75 4.04 33.82
CA GLU B 29 29.11 3.99 34.34
C GLU B 29 29.51 5.29 35.04
N GLU B 30 29.06 6.43 34.50
CA GLU B 30 29.30 7.70 35.17
C GLU B 30 28.40 7.89 36.39
N SER B 31 27.38 7.05 36.57
CA SER B 31 26.63 7.02 37.82
C SER B 31 27.25 6.11 38.85
N ILE B 32 28.09 5.15 38.44
CA ILE B 32 28.77 4.28 39.40
C ILE B 32 29.93 4.99 40.09
N ARG B 33 30.40 6.13 39.57
CA ARG B 33 31.62 6.79 40.02
C ARG B 33 31.83 6.74 41.53
N LYS B 34 30.75 6.70 42.31
CA LYS B 34 30.85 6.77 43.76
C LYS B 34 31.15 5.42 44.40
N LEU B 35 31.06 4.32 43.66
CA LEU B 35 31.36 3.01 44.22
C LEU B 35 32.80 2.56 43.96
N GLN B 36 33.43 3.03 42.90
CA GLN B 36 34.83 2.76 42.65
C GLN B 36 35.75 3.79 43.32
N SER B 37 35.18 4.72 44.09
CA SER B 37 35.93 5.69 44.88
C SER B 37 35.59 5.46 46.36
N TRP B 38 36.51 4.82 47.08
CA TRP B 38 36.26 4.40 48.45
C TRP B 38 36.18 5.55 49.45
N GLU B 39 36.53 6.77 49.04
CA GLU B 39 36.42 7.91 49.96
C GLU B 39 34.99 8.04 50.48
N LYS B 40 34.00 7.92 49.59
CA LYS B 40 32.61 8.01 50.03
C LYS B 40 32.28 6.93 51.05
N ILE B 41 32.96 5.78 50.99
CA ILE B 41 32.77 4.75 51.98
C ILE B 41 33.43 5.14 53.30
N HIS B 42 34.60 5.80 53.24
CA HIS B 42 35.15 6.39 54.44
C HIS B 42 34.18 7.39 55.06
N GLU B 43 33.36 8.05 54.24
CA GLU B 43 32.36 8.95 54.77
C GLU B 43 31.18 8.19 55.36
N CYS B 44 30.78 7.08 54.74
CA CYS B 44 29.63 6.31 55.20
C CYS B 44 29.98 5.24 56.24
N PHE B 45 31.27 5.02 56.52
CA PHE B 45 31.70 4.06 57.52
C PHE B 45 32.98 4.56 58.18
N PRO B 46 32.89 5.66 58.94
CA PRO B 46 34.12 6.23 59.53
C PRO B 46 34.89 5.25 60.40
N ASN B 47 34.19 4.50 61.25
CA ASN B 47 34.84 3.61 62.21
C ASN B 47 34.95 2.18 61.68
N TYR B 48 33.82 1.57 61.31
CA TYR B 48 33.85 0.21 60.79
C TYR B 48 34.61 0.12 59.47
N GLY B 49 34.73 1.23 58.74
CA GLY B 49 35.53 1.24 57.53
C GLY B 49 37.02 1.17 57.80
N GLN B 50 37.45 1.72 58.95
CA GLN B 50 38.85 1.65 59.33
C GLN B 50 39.26 0.27 59.84
N THR B 51 38.30 -0.54 60.28
CA THR B 51 38.61 -1.91 60.69
C THR B 51 39.16 -2.69 59.51
N ARG B 52 40.20 -3.49 59.77
CA ARG B 52 40.88 -4.21 58.70
C ARG B 52 39.96 -5.26 58.07
N GLU B 53 39.44 -6.18 58.88
CA GLU B 53 38.53 -7.19 58.36
C GLU B 53 37.30 -6.54 57.73
N GLY B 54 36.77 -5.49 58.35
CA GLY B 54 35.61 -4.81 57.80
C GLY B 54 35.87 -4.24 56.41
N ILE B 55 37.03 -3.63 56.22
CA ILE B 55 37.32 -3.03 54.92
C ILE B 55 37.68 -4.10 53.90
N GLU B 56 38.22 -5.24 54.33
CA GLU B 56 38.33 -6.38 53.43
C GLU B 56 36.95 -6.79 52.92
N ASN B 57 36.01 -7.00 53.86
CA ASN B 57 34.64 -7.34 53.49
C ASN B 57 34.07 -6.33 52.49
N LEU B 58 34.09 -5.04 52.85
CA LEU B 58 33.53 -4.03 51.97
C LEU B 58 34.33 -3.86 50.68
N THR B 59 35.55 -4.39 50.61
CA THR B 59 36.30 -4.37 49.36
C THR B 59 35.80 -5.46 48.41
N VAL B 60 35.80 -6.72 48.86
CA VAL B 60 35.27 -7.79 48.03
C VAL B 60 33.81 -7.52 47.71
N CYS B 61 33.09 -6.84 48.60
CA CYS B 61 31.68 -6.55 48.38
C CYS B 61 31.49 -5.38 47.43
N GLN B 62 32.35 -4.35 47.49
CA GLN B 62 32.24 -3.28 46.51
C GLN B 62 32.53 -3.81 45.12
N GLN B 63 33.64 -4.54 44.97
CA GLN B 63 33.89 -5.21 43.69
C GLN B 63 32.67 -6.02 43.27
N GLN B 64 32.12 -6.80 44.21
CA GLN B 64 30.93 -7.61 43.91
C GLN B 64 29.82 -6.75 43.33
N VAL B 65 29.55 -5.58 43.92
CA VAL B 65 28.42 -4.78 43.45
C VAL B 65 28.72 -4.16 42.11
N ILE B 66 29.94 -3.68 41.87
CA ILE B 66 30.24 -3.16 40.53
C ILE B 66 30.01 -4.26 39.49
N LYS B 67 30.61 -5.44 39.70
CA LYS B 67 30.50 -6.51 38.73
C LYS B 67 29.04 -6.88 38.49
N LEU B 68 28.34 -7.31 39.55
CA LEU B 68 26.97 -7.79 39.39
C LEU B 68 26.07 -6.68 38.85
N TRP B 69 26.08 -5.52 39.51
CA TRP B 69 25.35 -4.35 39.03
C TRP B 69 25.49 -4.18 37.52
N SER B 70 26.73 -4.03 37.06
CA SER B 70 26.97 -3.80 35.63
C SER B 70 26.39 -4.93 34.80
N ASN B 71 26.72 -6.17 35.14
CA ASN B 71 26.28 -7.31 34.34
C ASN B 71 24.76 -7.37 34.25
N LEU B 72 24.08 -7.60 35.37
CA LEU B 72 22.64 -7.81 35.33
C LEU B 72 21.92 -6.58 34.80
N SER B 73 22.43 -5.38 35.10
CA SER B 73 21.88 -4.17 34.50
C SER B 73 21.93 -4.25 32.98
N ARG B 74 23.09 -4.59 32.43
CA ARG B 74 23.22 -4.71 30.98
C ARG B 74 22.23 -5.73 30.42
N VAL B 75 22.21 -6.94 30.97
CA VAL B 75 21.32 -7.95 30.41
C VAL B 75 19.88 -7.50 30.51
N GLU B 76 19.56 -6.68 31.52
CA GLU B 76 18.23 -6.09 31.59
C GLU B 76 18.00 -5.11 30.45
N PHE B 77 18.99 -4.29 30.11
CA PHE B 77 18.84 -3.37 28.99
C PHE B 77 18.61 -4.13 27.69
N ASP B 78 19.47 -5.13 27.41
CA ASP B 78 19.26 -5.98 26.24
C ASP B 78 17.86 -6.59 26.26
N ALA B 79 17.44 -7.07 27.44
CA ALA B 79 16.11 -7.67 27.56
C ALA B 79 15.02 -6.67 27.18
N ILE B 80 15.15 -5.41 27.61
CA ILE B 80 14.19 -4.38 27.21
C ILE B 80 14.21 -4.19 25.71
N PHE B 81 15.41 -4.07 25.14
CA PHE B 81 15.52 -3.91 23.69
C PHE B 81 14.82 -5.04 22.95
N HIS B 82 14.80 -6.25 23.53
CA HIS B 82 14.02 -7.34 22.94
C HIS B 82 12.53 -7.12 23.18
N GLU B 83 12.15 -6.68 24.38
CA GLU B 83 10.74 -6.41 24.68
C GLU B 83 10.15 -5.44 23.67
N ARG B 84 10.94 -4.49 23.18
CA ARG B 84 10.47 -3.43 22.32
C ARG B 84 10.87 -3.60 20.86
N SER B 85 11.73 -4.58 20.55
CA SER B 85 12.31 -4.71 19.21
C SER B 85 12.76 -3.33 18.73
N ILE B 86 13.42 -2.59 19.62
CA ILE B 86 13.76 -1.20 19.35
C ILE B 86 14.75 -1.08 18.20
N GLU B 87 15.57 -2.10 17.96
CA GLU B 87 16.50 -2.07 16.84
C GLU B 87 15.75 -1.77 15.54
N GLU B 88 14.78 -2.61 15.20
CA GLU B 88 14.02 -2.40 13.97
C GLU B 88 13.30 -1.06 13.98
N LYS B 89 12.69 -0.69 15.11
CA LYS B 89 11.95 0.57 15.15
C LYS B 89 12.84 1.76 14.84
N LEU B 90 14.06 1.77 15.37
CA LEU B 90 14.94 2.93 15.18
C LEU B 90 15.62 2.90 13.82
N ASN B 91 16.14 1.74 13.41
CA ASN B 91 16.69 1.62 12.07
C ASN B 91 15.66 2.06 11.04
N GLN B 92 14.44 1.55 11.17
CA GLN B 92 13.34 1.96 10.30
C GLN B 92 13.05 3.45 10.44
N LEU B 93 13.23 4.01 11.64
CA LEU B 93 13.03 5.44 11.82
C LEU B 93 14.00 6.24 10.96
N ASP B 94 15.30 5.99 11.13
CA ASP B 94 16.32 6.68 10.35
C ASP B 94 16.07 6.49 8.86
N ASP B 95 15.95 5.24 8.42
CA ASP B 95 15.68 4.94 7.02
C ASP B 95 14.52 5.79 6.51
N LEU B 96 13.35 5.69 7.15
CA LEU B 96 12.20 6.48 6.74
C LEU B 96 12.53 7.96 6.65
N ILE B 97 13.26 8.50 7.63
CA ILE B 97 13.58 9.92 7.62
C ILE B 97 14.34 10.28 6.34
N ASN B 98 15.41 9.55 6.04
CA ASN B 98 16.24 9.96 4.90
C ASN B 98 15.53 9.70 3.58
N LYS B 99 14.77 8.60 3.48
CA LYS B 99 13.96 8.38 2.29
C LYS B 99 12.98 9.53 2.08
N ALA B 100 12.32 9.96 3.15
CA ALA B 100 11.46 11.14 3.07
C ALA B 100 12.23 12.41 2.76
N ARG B 101 13.54 12.42 3.02
CA ARG B 101 14.36 13.56 2.61
C ARG B 101 14.64 13.54 1.12
N SER B 102 14.75 12.35 0.52
CA SER B 102 15.24 12.22 -0.85
C SER B 102 14.27 11.48 -1.77
N ILE B 103 12.96 11.59 -1.53
CA ILE B 103 11.96 10.88 -2.34
C ILE B 103 10.69 11.72 -2.45
N ASP B 104 10.19 11.88 -3.68
CA ASP B 104 8.89 12.49 -3.94
C ASP B 104 8.87 13.99 -3.65
N THR B 105 7.91 14.70 -4.24
CA THR B 105 7.83 16.16 -4.08
C THR B 105 6.50 16.72 -4.57
N SER B 106 6.16 16.48 -5.84
CA SER B 106 5.15 17.26 -6.54
C SER B 106 3.79 16.59 -6.64
N SER B 107 3.74 15.25 -6.60
CA SER B 107 2.49 14.54 -6.87
C SER B 107 1.31 15.16 -6.13
N SER B 108 1.47 15.42 -4.84
CA SER B 108 0.40 15.90 -3.99
C SER B 108 0.34 17.43 -4.08
N SER B 109 -0.74 17.95 -4.65
CA SER B 109 -0.93 19.39 -4.77
C SER B 109 -0.80 20.06 -3.41
N LYS B 110 -1.84 19.93 -2.59
CA LYS B 110 -1.80 20.39 -1.21
C LYS B 110 -1.98 19.18 -0.30
N LYS B 111 -1.47 19.30 0.92
CA LYS B 111 -1.29 18.16 1.82
C LYS B 111 -2.21 18.28 3.03
N LEU B 112 -2.03 17.36 3.97
CA LEU B 112 -2.84 17.30 5.18
C LEU B 112 -1.94 17.16 6.40
N ARG B 113 -2.55 17.25 7.57
CA ARG B 113 -1.82 17.10 8.82
C ARG B 113 -1.64 15.62 9.13
N LYS B 114 -0.42 15.23 9.47
CA LYS B 114 -0.08 13.82 9.61
C LYS B 114 -0.38 13.25 10.99
N ILE B 115 -0.70 14.08 11.98
CA ILE B 115 -1.27 13.55 13.22
C ILE B 115 -2.56 12.84 12.83
N ASP B 116 -3.61 13.63 12.63
CA ASP B 116 -4.93 13.17 12.21
C ASP B 116 -5.84 14.38 12.04
N ASP B 117 -6.22 14.69 10.81
CA ASP B 117 -7.37 15.58 10.62
C ASP B 117 -8.52 14.91 11.37
N LEU B 118 -9.34 14.14 10.64
CA LEU B 118 -10.12 13.06 11.23
C LEU B 118 -9.81 11.83 10.38
N ARG B 119 -8.99 10.93 10.92
CA ARG B 119 -8.50 9.81 10.13
C ARG B 119 -8.89 8.45 10.72
N PRO B 120 -10.14 8.24 11.14
CA PRO B 120 -10.61 6.86 11.35
C PRO B 120 -11.01 6.24 10.02
N LEU B 121 -11.47 7.09 9.11
CA LEU B 121 -11.83 6.69 7.75
C LEU B 121 -10.68 6.93 6.77
N GLU B 122 -10.25 8.19 6.66
CA GLU B 122 -9.29 8.62 5.65
C GLU B 122 -8.18 7.60 5.45
N LEU B 123 -7.69 7.01 6.54
CA LEU B 123 -6.73 5.92 6.42
C LEU B 123 -7.32 4.75 5.64
N ILE B 124 -8.43 4.19 6.15
CA ILE B 124 -9.07 3.03 5.50
C ILE B 124 -9.33 3.34 4.03
N GLU B 125 -10.20 4.31 3.77
CA GLU B 125 -10.59 4.64 2.41
C GLU B 125 -9.37 4.89 1.52
N GLY B 126 -8.35 5.52 2.08
CA GLY B 126 -7.10 5.66 1.34
C GLY B 126 -6.54 4.34 0.89
N ASN B 127 -6.26 3.46 1.85
CA ASN B 127 -5.68 2.16 1.53
C ASN B 127 -6.51 1.43 0.48
N LEU B 128 -7.83 1.37 0.69
CA LEU B 128 -8.70 0.77 -0.31
C LEU B 128 -8.46 1.36 -1.69
N GLN B 129 -8.55 2.68 -1.79
CA GLN B 129 -8.50 3.33 -3.10
C GLN B 129 -7.16 3.10 -3.79
N GLY B 130 -6.07 3.09 -3.03
CA GLY B 130 -4.79 2.77 -3.62
C GLY B 130 -4.71 1.33 -4.12
N ALA B 131 -5.08 0.38 -3.26
CA ALA B 131 -5.06 -1.03 -3.66
C ALA B 131 -5.89 -1.25 -4.92
N LYS B 132 -7.04 -0.58 -5.02
CA LYS B 132 -7.88 -0.72 -6.20
C LYS B 132 -7.32 0.03 -7.39
N GLU B 133 -6.50 1.07 -7.17
CA GLU B 133 -5.71 1.61 -8.27
C GLU B 133 -4.78 0.54 -8.84
N SER B 134 -4.04 -0.15 -7.96
CA SER B 134 -3.20 -1.26 -8.42
C SER B 134 -4.04 -2.27 -9.21
N THR B 135 -5.17 -2.68 -8.64
CA THR B 135 -6.11 -3.53 -9.36
C THR B 135 -6.31 -3.02 -10.79
N LEU B 136 -6.83 -1.80 -10.91
CA LEU B 136 -7.02 -1.19 -12.22
C LEU B 136 -5.81 -1.39 -13.12
N GLU B 137 -4.61 -1.20 -12.55
CA GLU B 137 -3.39 -1.32 -13.36
C GLU B 137 -3.25 -2.72 -13.94
N ARG B 138 -3.21 -3.74 -13.08
CA ARG B 138 -3.01 -5.09 -13.59
C ARG B 138 -4.12 -5.49 -14.56
N ILE B 139 -5.37 -5.18 -14.22
CA ILE B 139 -6.49 -5.52 -15.10
C ILE B 139 -6.25 -4.92 -16.49
N ASN B 140 -6.00 -3.60 -16.53
CA ASN B 140 -5.71 -2.96 -17.81
C ASN B 140 -4.57 -3.66 -18.54
N ASN B 141 -3.58 -4.17 -17.80
CA ASN B 141 -2.45 -4.83 -18.46
C ASN B 141 -2.88 -6.13 -19.13
N LYS B 142 -3.60 -6.99 -18.39
CA LYS B 142 -4.05 -8.26 -18.96
C LYS B 142 -4.99 -8.02 -20.14
N LEU B 143 -5.89 -7.06 -20.01
CA LEU B 143 -6.70 -6.63 -21.15
C LEU B 143 -5.78 -6.31 -22.32
N GLN B 144 -5.02 -5.23 -22.19
CA GLN B 144 -4.06 -4.82 -23.21
C GLN B 144 -3.43 -6.04 -23.89
N ILE B 145 -3.12 -7.07 -23.11
CA ILE B 145 -2.63 -8.32 -23.70
C ILE B 145 -3.70 -8.92 -24.62
N ILE B 146 -4.94 -9.03 -24.15
CA ILE B 146 -5.97 -9.63 -25.00
C ILE B 146 -6.09 -8.84 -26.30
N LYS B 147 -5.99 -7.51 -26.22
CA LYS B 147 -5.99 -6.71 -27.44
C LYS B 147 -4.84 -7.10 -28.36
N GLU B 148 -3.63 -7.20 -27.83
CA GLU B 148 -2.47 -7.48 -28.67
C GLU B 148 -2.62 -8.83 -29.37
N SER B 149 -2.78 -9.90 -28.59
CA SER B 149 -2.96 -11.22 -29.18
C SER B 149 -4.09 -11.21 -30.20
N ASN B 150 -5.21 -10.60 -29.83
CA ASN B 150 -6.34 -10.42 -30.74
C ASN B 150 -5.89 -9.86 -32.09
N GLU B 151 -5.41 -8.62 -32.11
CA GLU B 151 -5.04 -7.98 -33.36
C GLU B 151 -4.03 -8.82 -34.14
N ALA B 152 -3.16 -9.56 -33.45
CA ALA B 152 -2.24 -10.45 -34.15
C ALA B 152 -3.01 -11.53 -34.92
N LEU B 153 -3.87 -12.28 -34.21
CA LEU B 153 -4.64 -13.33 -34.86
C LEU B 153 -5.46 -12.76 -36.00
N GLU B 154 -6.09 -11.59 -35.81
CA GLU B 154 -6.79 -10.93 -36.90
C GLU B 154 -5.86 -10.69 -38.07
N THR B 155 -4.62 -10.27 -37.80
CA THR B 155 -3.66 -10.05 -38.87
C THR B 155 -3.46 -11.32 -39.69
N ASN B 156 -3.20 -12.44 -39.02
CA ASN B 156 -2.95 -13.68 -39.77
C ASN B 156 -4.19 -14.11 -40.54
N LEU B 157 -5.35 -14.09 -39.89
CA LEU B 157 -6.58 -14.55 -40.56
C LEU B 157 -6.90 -13.71 -41.78
N LYS B 158 -6.79 -12.38 -41.66
CA LYS B 158 -7.06 -11.53 -42.81
C LYS B 158 -6.00 -11.71 -43.89
N ASP B 159 -4.75 -11.99 -43.49
CA ASP B 159 -3.71 -12.33 -44.47
C ASP B 159 -4.15 -13.52 -45.32
N LEU B 160 -4.44 -14.64 -44.66
CA LEU B 160 -4.83 -15.83 -45.41
C LEU B 160 -6.17 -15.67 -46.11
N ASN B 161 -7.02 -14.75 -45.65
CA ASN B 161 -8.28 -14.48 -46.33
C ASN B 161 -8.04 -13.76 -47.65
N ASP B 162 -7.24 -12.69 -47.62
CA ASP B 162 -6.84 -12.06 -48.87
C ASP B 162 -6.10 -13.04 -49.76
N ASN B 163 -5.44 -14.04 -49.17
CA ASN B 163 -4.85 -15.11 -49.98
C ASN B 163 -5.92 -15.99 -50.61
N ILE B 164 -7.04 -16.21 -49.92
CA ILE B 164 -8.18 -16.89 -50.52
C ILE B 164 -8.65 -16.08 -51.71
N PHE B 165 -9.21 -14.90 -51.45
CA PHE B 165 -9.79 -14.09 -52.52
C PHE B 165 -8.82 -13.96 -53.69
N GLN B 166 -7.55 -13.67 -53.40
CA GLN B 166 -6.53 -13.61 -54.44
C GLN B 166 -6.48 -14.91 -55.23
N GLU B 167 -6.22 -16.02 -54.53
CA GLU B 167 -6.11 -17.32 -55.19
C GLU B 167 -7.31 -17.60 -56.08
N LEU B 168 -8.51 -17.64 -55.50
CA LEU B 168 -9.74 -17.86 -56.24
C LEU B 168 -9.79 -16.96 -57.46
N ASP B 169 -9.97 -15.65 -57.25
CA ASP B 169 -10.08 -14.70 -58.37
C ASP B 169 -9.08 -15.02 -59.47
N GLN B 170 -7.81 -15.20 -59.10
CA GLN B 170 -6.78 -15.57 -60.07
C GLN B 170 -7.24 -16.76 -60.90
N LEU B 171 -7.32 -17.94 -60.28
CA LEU B 171 -7.62 -19.14 -61.08
C LEU B 171 -8.92 -18.99 -61.85
N GLN B 172 -9.87 -18.21 -61.31
CA GLN B 172 -11.09 -17.90 -62.05
C GLN B 172 -10.76 -17.28 -63.40
N GLN B 173 -10.09 -16.13 -63.38
CA GLN B 173 -9.70 -15.50 -64.65
C GLN B 173 -8.74 -16.38 -65.44
N VAL B 174 -8.13 -17.37 -64.80
CA VAL B 174 -7.25 -18.29 -65.51
C VAL B 174 -8.06 -19.21 -66.42
N TYR B 175 -9.04 -19.92 -65.86
CA TYR B 175 -9.83 -20.77 -66.74
C TYR B 175 -10.82 -19.97 -67.57
N ASP B 176 -11.02 -18.68 -67.26
CA ASP B 176 -11.66 -17.79 -68.23
C ASP B 176 -10.71 -17.50 -69.39
N ASP B 177 -9.42 -17.42 -69.11
CA ASP B 177 -8.42 -17.30 -70.17
C ASP B 177 -8.27 -18.59 -70.96
N MET B 178 -8.64 -19.73 -70.36
CA MET B 178 -8.59 -21.02 -71.03
C MET B 178 -9.89 -21.31 -71.77
N LEU B 179 -11.03 -21.17 -71.08
CA LEU B 179 -12.34 -21.39 -71.69
C LEU B 179 -12.95 -20.08 -72.16
N PRO B 186 -21.68 -15.78 -82.47
CA PRO B 186 -22.74 -15.76 -83.50
C PRO B 186 -23.94 -16.60 -83.11
N ASP B 187 -24.12 -16.81 -81.80
CA ASP B 187 -25.29 -17.50 -81.29
C ASP B 187 -26.54 -17.09 -82.06
N GLU B 188 -26.71 -15.79 -82.28
CA GLU B 188 -27.87 -15.29 -83.00
C GLU B 188 -27.87 -15.79 -84.44
N THR B 189 -26.85 -15.41 -85.22
CA THR B 189 -26.83 -15.75 -86.64
C THR B 189 -26.97 -17.25 -86.87
N ILE B 190 -26.50 -18.06 -85.93
CA ILE B 190 -26.66 -19.50 -86.07
C ILE B 190 -28.05 -19.94 -85.63
N LYS B 191 -28.69 -19.19 -84.72
CA LYS B 191 -30.10 -19.42 -84.43
C LYS B 191 -30.95 -19.17 -85.68
N GLN B 192 -30.71 -18.06 -86.36
CA GLN B 192 -31.45 -17.77 -87.58
C GLN B 192 -31.06 -18.71 -88.72
N ALA B 193 -29.82 -19.20 -88.71
CA ALA B 193 -29.41 -20.20 -89.71
C ALA B 193 -30.16 -21.50 -89.49
N VAL B 194 -30.18 -22.00 -88.25
CA VAL B 194 -30.88 -23.26 -87.98
C VAL B 194 -32.39 -23.08 -88.11
N SER B 195 -32.90 -21.88 -87.86
CA SER B 195 -34.33 -21.63 -88.06
C SER B 195 -34.63 -21.70 -89.55
N ASP B 196 -34.08 -20.76 -90.31
CA ASP B 196 -34.30 -20.72 -91.75
C ASP B 196 -34.12 -22.10 -92.37
N MET B 197 -33.12 -22.85 -91.90
CA MET B 197 -32.90 -24.18 -92.44
C MET B 197 -34.00 -25.14 -92.02
N ILE B 198 -34.44 -25.07 -90.76
CA ILE B 198 -35.52 -25.92 -90.28
C ILE B 198 -36.83 -25.64 -91.01
N ILE B 199 -36.98 -24.45 -91.59
CA ILE B 199 -38.21 -24.07 -92.28
C ILE B 199 -38.54 -25.10 -93.36
N GLU B 200 -37.53 -25.82 -93.85
CA GLU B 200 -37.74 -26.68 -95.01
C GLU B 200 -38.61 -27.88 -94.69
N SER B 201 -38.62 -28.34 -93.43
CA SER B 201 -39.39 -29.53 -93.08
C SER B 201 -39.01 -30.69 -93.98
N ARG B 202 -39.88 -31.69 -94.10
CA ARG B 202 -39.64 -32.83 -95.00
C ARG B 202 -40.90 -33.67 -95.05
N GLN B 203 -40.78 -34.86 -95.61
CA GLN B 203 -41.90 -35.79 -95.75
C GLN B 203 -42.61 -35.99 -94.41
N SER C 24 34.80 36.38 69.81
CA SER C 24 33.96 35.30 69.31
C SER C 24 32.49 35.58 69.57
N PHE C 25 32.02 35.21 70.76
CA PHE C 25 30.67 35.54 71.21
C PHE C 25 29.60 34.84 70.37
N ALA C 26 28.38 34.77 70.90
CA ALA C 26 27.20 34.30 70.17
C ALA C 26 26.12 35.33 70.43
N GLN C 27 26.03 36.33 69.56
CA GLN C 27 25.29 37.55 69.81
C GLN C 27 24.06 37.63 68.91
N ASP C 28 23.16 38.56 69.27
CA ASP C 28 21.87 38.66 68.58
C ASP C 28 21.97 39.50 67.31
N LEU C 29 22.72 40.60 67.34
CA LEU C 29 22.83 41.46 66.16
C LEU C 29 23.43 40.69 64.99
N LYS C 30 24.66 40.21 65.16
CA LYS C 30 25.37 39.49 64.11
C LYS C 30 24.52 38.37 63.52
N MET C 31 23.62 37.79 64.31
CA MET C 31 22.66 36.84 63.77
C MET C 31 21.79 37.47 62.70
N LYS C 32 21.36 38.71 62.91
CA LYS C 32 20.53 39.39 61.92
C LYS C 32 21.37 39.95 60.78
N GLN C 33 22.62 40.30 61.04
CA GLN C 33 23.53 40.62 59.95
C GLN C 33 23.62 39.45 58.98
N LEU C 34 24.12 38.31 59.46
CA LEU C 34 24.28 37.14 58.60
C LEU C 34 22.96 36.72 57.98
N MET C 35 21.91 36.59 58.81
CA MET C 35 20.65 36.05 58.33
C MET C 35 20.01 36.98 57.30
N ASN C 36 19.82 38.25 57.67
CA ASN C 36 19.26 39.21 56.72
C ASN C 36 20.09 39.27 55.45
N TRP C 37 21.40 39.05 55.57
CA TRP C 37 22.26 38.96 54.38
C TRP C 37 21.87 37.79 53.49
N CYS C 38 21.72 36.60 54.08
CA CYS C 38 21.24 35.45 53.32
C CYS C 38 19.89 35.72 52.67
N LEU C 39 19.03 36.48 53.36
CA LEU C 39 17.74 36.83 52.76
C LEU C 39 17.92 37.74 51.56
N ILE C 40 18.81 38.72 51.65
CA ILE C 40 19.13 39.56 50.50
C ILE C 40 19.52 38.69 49.32
N ARG C 41 20.57 37.87 49.50
CA ARG C 41 21.03 37.05 48.39
C ARG C 41 19.93 36.12 47.88
N ALA C 42 19.07 35.63 48.77
CA ALA C 42 17.98 34.76 48.33
C ALA C 42 17.01 35.51 47.43
N LEU C 43 16.52 36.67 47.88
CA LEU C 43 15.71 37.52 47.01
C LEU C 43 16.37 37.69 45.66
N ARG C 44 17.62 38.15 45.66
CA ARG C 44 18.29 38.45 44.40
C ARG C 44 18.31 37.23 43.48
N LYS C 45 18.87 36.12 43.95
CA LYS C 45 18.86 34.90 43.14
C LYS C 45 17.47 34.62 42.58
N LEU C 46 16.44 34.77 43.42
CA LEU C 46 15.07 34.52 42.96
C LEU C 46 14.59 35.59 41.99
N GLU C 47 15.28 36.74 41.90
CA GLU C 47 14.95 37.74 40.89
C GLU C 47 15.61 37.41 39.55
N ILE C 48 16.84 36.90 39.58
CA ILE C 48 17.43 36.38 38.35
C ILE C 48 16.64 35.17 37.85
N LYS C 49 16.07 34.38 38.77
CA LYS C 49 15.23 33.26 38.35
C LYS C 49 13.85 33.71 37.89
N ASN C 50 13.48 34.97 38.11
CA ASN C 50 12.21 35.50 37.62
C ASN C 50 12.27 35.93 36.17
N SER C 51 12.99 35.19 35.33
CA SER C 51 12.98 35.45 33.89
C SER C 51 11.63 35.13 33.26
N GLN C 52 10.82 34.31 33.92
CA GLN C 52 9.49 33.95 33.42
C GLN C 52 8.46 34.78 34.21
N ASN C 53 8.29 36.02 33.78
CA ASN C 53 7.49 36.98 34.54
C ASN C 53 6.00 36.67 34.45
N LYS C 54 5.54 36.16 33.31
CA LYS C 54 4.11 35.94 33.12
C LYS C 54 3.50 35.07 34.21
N SER C 55 4.33 34.28 34.91
CA SER C 55 3.86 33.52 36.07
C SER C 55 3.59 34.49 37.21
N GLU C 56 2.32 34.86 37.38
CA GLU C 56 1.96 35.77 38.46
C GLU C 56 2.44 35.26 39.82
N SER C 57 2.54 33.94 39.98
CA SER C 57 3.13 33.39 41.19
C SER C 57 4.48 34.03 41.48
N ARG C 58 5.24 34.36 40.43
CA ARG C 58 6.58 34.91 40.61
C ARG C 58 6.52 36.35 41.11
N LYS C 59 5.82 37.22 40.37
CA LYS C 59 5.66 38.60 40.81
C LYS C 59 5.11 38.66 42.23
N ILE C 60 4.04 37.90 42.49
CA ILE C 60 3.42 37.84 43.81
C ILE C 60 4.48 37.48 44.85
N THR C 61 5.00 36.25 44.76
CA THR C 61 5.98 35.79 45.74
C THR C 61 7.07 36.83 45.98
N LEU C 62 7.50 37.52 44.92
CA LEU C 62 8.54 38.54 45.07
C LEU C 62 8.03 39.73 45.87
N THR C 63 6.79 40.16 45.64
CA THR C 63 6.23 41.24 46.44
C THR C 63 6.19 40.84 47.91
N ILE C 64 5.62 39.66 48.19
CA ILE C 64 5.50 39.21 49.57
C ILE C 64 6.86 39.08 50.23
N LEU C 65 7.87 38.63 49.49
CA LEU C 65 9.19 38.42 50.08
C LEU C 65 9.96 39.72 50.25
N LYS C 66 9.77 40.69 49.36
CA LYS C 66 10.39 42.00 49.54
C LYS C 66 9.77 42.72 50.74
N ASP C 67 8.44 42.89 50.72
CA ASP C 67 7.76 43.44 51.89
C ASP C 67 8.06 42.62 53.15
N PHE C 68 8.41 41.35 52.99
CA PHE C 68 8.76 40.50 54.11
C PHE C 68 10.10 40.90 54.71
N VAL C 69 11.15 40.95 53.87
CA VAL C 69 12.46 41.37 54.37
C VAL C 69 12.41 42.79 54.91
N ARG C 70 11.59 43.65 54.31
CA ARG C 70 11.43 45.01 54.84
C ARG C 70 10.81 44.97 56.23
N ASP C 71 9.64 44.31 56.37
CA ASP C 71 8.99 44.23 57.67
C ASP C 71 9.90 43.60 58.71
N ILE C 72 10.84 42.76 58.29
CA ILE C 72 11.82 42.21 59.22
C ILE C 72 12.82 43.29 59.64
N ARG C 73 13.61 43.77 58.67
CA ARG C 73 14.65 44.74 58.99
C ARG C 73 14.11 45.92 59.77
N LYS C 74 12.82 46.23 59.62
CA LYS C 74 12.17 47.30 60.35
C LYS C 74 11.21 46.75 61.41
N GLY C 75 11.57 45.62 62.02
CA GLY C 75 10.85 45.09 63.16
C GLY C 75 9.48 44.52 62.85
N SER C 76 9.16 43.40 63.47
CA SER C 76 7.85 42.77 63.37
C SER C 76 7.28 42.40 64.73
N HIS C 77 8.08 41.85 65.63
CA HIS C 77 7.66 41.49 66.98
C HIS C 77 8.92 41.05 67.72
N ASP C 78 8.77 40.47 68.91
CA ASP C 78 9.91 39.86 69.59
C ASP C 78 10.50 38.76 68.73
N ILE C 79 11.82 38.58 68.83
CA ILE C 79 12.53 37.79 67.83
C ILE C 79 13.42 36.73 68.47
N ASP C 80 14.62 37.12 68.91
CA ASP C 80 15.73 36.19 69.07
C ASP C 80 15.73 35.50 70.43
N TRP C 81 16.48 34.39 70.48
CA TRP C 81 16.80 33.66 71.70
C TRP C 81 15.55 33.05 72.32
N UNK C 82 15.73 32.40 73.48
CA UNK C 82 14.63 31.76 74.20
C UNK C 82 14.10 30.55 73.43
N UNK C 83 13.08 29.90 73.97
CA UNK C 83 12.52 28.69 73.39
C UNK C 83 11.01 28.81 73.31
N UNK C 84 10.27 27.79 73.77
CA UNK C 84 8.81 27.86 73.84
C UNK C 84 8.28 27.03 75.00
N UNK C 85 7.95 25.77 74.75
CA UNK C 85 7.37 24.92 75.79
C UNK C 85 7.70 23.45 75.60
N UNK C 86 7.93 23.03 74.35
CA UNK C 86 8.29 21.66 74.00
C UNK C 86 7.08 20.71 74.00
N UNK C 87 6.04 21.05 74.76
CA UNK C 87 4.81 20.25 74.82
C UNK C 87 5.20 18.84 75.26
N UNK C 88 4.77 17.79 74.57
CA UNK C 88 5.17 16.44 74.92
C UNK C 88 6.57 16.17 74.41
N UNK C 89 7.37 15.48 75.23
CA UNK C 89 8.77 15.24 74.90
C UNK C 89 8.90 14.18 73.81
N UNK C 90 10.14 13.92 73.41
CA UNK C 90 10.44 12.92 72.40
C UNK C 90 11.95 12.69 72.30
N UNK C 91 12.55 12.18 73.37
CA UNK C 91 13.99 12.00 73.42
C UNK C 91 14.33 10.85 74.36
N UNK C 92 15.25 9.99 73.93
CA UNK C 92 15.75 8.93 74.81
C UNK C 92 16.65 9.49 75.89
N UNK C 93 17.18 10.70 75.71
CA UNK C 93 17.98 11.36 76.73
C UNK C 93 17.15 12.07 77.77
N UNK C 94 15.84 11.83 77.81
CA UNK C 94 14.96 12.45 78.78
C UNK C 94 15.14 11.77 80.13
N UNK C 95 15.82 12.43 81.06
CA UNK C 95 16.00 11.93 82.41
C UNK C 95 16.18 13.12 83.33
N UNK C 96 15.44 13.14 84.43
CA UNK C 96 15.41 14.29 85.32
C UNK C 96 15.73 13.86 86.75
N UNK C 97 16.39 14.74 87.48
CA UNK C 97 16.71 14.54 88.89
C UNK C 97 17.22 15.83 89.49
N UNK C 98 16.50 16.36 90.49
CA UNK C 98 16.85 17.64 91.09
C UNK C 98 16.72 17.57 92.61
N UNK C 99 16.33 18.67 93.24
CA UNK C 99 16.19 18.72 94.69
C UNK C 99 15.45 20.00 95.10
N UNK C 100 15.63 20.44 96.34
CA UNK C 100 15.02 21.67 96.83
C UNK C 100 15.65 22.87 96.14
N UNK C 101 15.65 24.03 96.80
CA UNK C 101 16.26 25.23 96.26
C UNK C 101 15.51 25.73 95.02
N UNK C 102 14.54 26.61 95.23
CA UNK C 102 13.79 27.20 94.12
C UNK C 102 13.06 26.13 93.31
N UNK C 103 11.76 25.99 93.53
CA UNK C 103 10.98 24.98 92.84
C UNK C 103 10.77 25.39 91.38
N UNK C 104 9.85 24.72 90.69
CA UNK C 104 9.62 24.96 89.28
C UNK C 104 8.80 26.20 89.00
N UNK C 105 8.08 26.73 89.99
CA UNK C 105 7.29 27.93 89.81
C UNK C 105 8.16 29.05 89.25
N UNK C 106 7.93 29.42 87.99
CA UNK C 106 8.80 30.35 87.28
C UNK C 106 7.99 31.46 86.62
N UNK C 107 8.39 32.70 86.86
CA UNK C 107 7.80 33.89 86.25
C UNK C 107 8.48 35.10 86.89
N UNK C 108 8.16 36.28 86.36
CA UNK C 108 8.73 37.53 86.86
C UNK C 108 7.79 38.17 87.89
N UNK C 109 8.23 39.28 88.47
CA UNK C 109 7.45 39.99 89.48
C UNK C 109 8.11 41.31 89.85
N UNK C 110 7.77 41.84 91.03
CA UNK C 110 8.47 42.98 91.65
C UNK C 110 8.03 44.33 91.10
N UNK C 111 8.51 44.69 89.92
CA UNK C 111 8.36 46.05 89.40
C UNK C 111 6.90 46.51 89.47
N UNK C 112 6.71 47.72 90.01
CA UNK C 112 5.37 48.30 90.08
C UNK C 112 4.79 48.49 88.68
N UNK C 113 3.46 48.51 88.61
CA UNK C 113 2.75 48.62 87.33
C UNK C 113 3.22 47.44 86.46
N UNK C 114 3.65 47.67 85.22
CA UNK C 114 4.13 46.60 84.37
C UNK C 114 4.86 47.16 83.16
N UNK C 120 3.27 35.31 85.07
CA UNK C 120 2.14 34.67 84.41
C UNK C 120 2.54 33.34 83.79
N UNK C 121 3.69 32.81 84.23
CA UNK C 121 4.22 31.54 83.75
C UNK C 121 4.81 31.66 82.35
N UNK C 122 4.28 32.57 81.53
CA UNK C 122 4.79 32.81 80.18
C UNK C 122 4.79 31.52 79.37
N UNK C 123 3.64 31.17 78.78
CA UNK C 123 3.50 29.97 77.96
C UNK C 123 2.70 30.27 76.70
N PRO C 124 3.31 30.97 75.73
CA PRO C 124 2.79 30.90 74.34
C PRO C 124 3.60 29.89 73.53
N PRO C 125 3.16 28.62 73.46
CA PRO C 125 3.97 27.61 72.76
C PRO C 125 4.04 27.82 71.26
N ILE C 126 4.18 26.71 70.53
CA ILE C 126 4.30 26.75 69.08
C ILE C 126 2.91 26.86 68.45
N LYS C 127 2.86 27.41 67.24
CA LYS C 127 1.64 27.52 66.46
C LYS C 127 1.95 27.12 65.02
N LEU C 128 0.99 26.43 64.38
CA LEU C 128 1.20 25.89 63.05
C LEU C 128 0.02 26.22 62.15
N ALA C 129 0.33 26.51 60.88
CA ALA C 129 -0.67 26.62 59.82
C ALA C 129 -0.21 25.71 58.69
N LYS C 130 -0.73 24.49 58.68
CA LYS C 130 -0.23 23.46 57.77
C LYS C 130 -0.59 23.78 56.33
N ILE C 131 0.30 23.40 55.43
CA ILE C 131 0.17 23.69 54.01
C ILE C 131 0.16 22.36 53.26
N PRO C 132 -0.73 22.16 52.28
CA PRO C 132 -0.69 20.93 51.49
C PRO C 132 0.65 20.72 50.79
N ASN C 133 0.76 19.64 50.02
CA ASN C 133 2.04 19.18 49.50
C ASN C 133 2.22 19.55 48.02
N GLU C 134 2.98 18.73 47.30
CA GLU C 134 3.18 18.87 45.86
C GLU C 134 2.75 17.63 45.10
N LYS C 135 3.01 16.44 45.65
CA LYS C 135 2.60 15.21 44.98
C LYS C 135 1.08 15.15 44.82
N ASN C 136 0.33 15.69 45.78
CA ASN C 136 -1.11 15.83 45.61
C ASN C 136 -1.43 16.59 44.33
N ILE C 137 -0.67 17.64 44.04
CA ILE C 137 -0.94 18.43 42.84
C ILE C 137 -0.57 17.65 41.60
N GLN C 138 0.66 17.12 41.56
CA GLN C 138 1.06 16.35 40.38
C GLN C 138 0.09 15.21 40.11
N ASN C 139 -0.55 14.67 41.16
CA ASN C 139 -1.49 13.58 40.97
C ASN C 139 -2.86 14.09 40.55
N LYS C 140 -3.27 15.28 41.01
CA LYS C 140 -4.46 15.93 40.47
C LYS C 140 -4.30 16.18 38.97
N GLU C 141 -3.30 16.97 38.60
CA GLU C 141 -2.99 17.25 37.21
C GLU C 141 -2.92 15.94 36.42
N ASN C 142 -1.93 15.09 36.74
CA ASN C 142 -1.74 13.86 35.99
C ASN C 142 -3.03 13.06 35.89
N ALA C 143 -3.85 13.08 36.94
CA ALA C 143 -5.17 12.46 36.85
C ALA C 143 -5.99 13.07 35.73
N LYS C 144 -6.11 14.40 35.72
CA LYS C 144 -6.82 15.08 34.65
C LYS C 144 -6.27 14.67 33.29
N ILE C 145 -4.95 14.70 33.15
CA ILE C 145 -4.30 14.43 31.87
C ILE C 145 -4.66 13.03 31.39
N LEU C 146 -4.52 12.04 32.26
CA LEU C 146 -4.78 10.66 31.85
C LEU C 146 -6.27 10.43 31.62
N GLU C 147 -7.13 11.17 32.31
CA GLU C 147 -8.56 11.07 32.07
C GLU C 147 -8.92 11.57 30.68
N GLU C 148 -8.52 12.80 30.34
CA GLU C 148 -8.87 13.34 29.03
C GLU C 148 -8.19 12.57 27.91
N LYS C 149 -6.91 12.22 28.09
CA LYS C 149 -6.20 11.45 27.08
C LYS C 149 -6.87 10.10 26.86
N ILE C 150 -7.00 9.30 27.93
CA ILE C 150 -7.60 7.98 27.78
C ILE C 150 -9.01 8.08 27.24
N LYS C 151 -9.74 9.13 27.59
CA LYS C 151 -11.05 9.36 27.00
C LYS C 151 -10.94 9.47 25.48
N THR C 152 -10.14 10.43 25.00
CA THR C 152 -9.94 10.60 23.56
C THR C 152 -9.53 9.28 22.91
N ILE C 153 -8.72 8.48 23.61
CA ILE C 153 -8.23 7.22 23.05
C ILE C 153 -9.39 6.24 22.87
N LYS C 154 -10.05 5.89 23.98
CA LYS C 154 -11.17 4.94 23.90
C LYS C 154 -12.22 5.38 22.89
N ASN C 155 -12.44 6.70 22.77
CA ASN C 155 -13.39 7.18 21.77
C ASN C 155 -12.85 6.94 20.36
N GLU C 156 -11.57 7.22 20.13
CA GLU C 156 -10.95 6.86 18.86
C GLU C 156 -11.18 5.38 18.53
N ILE C 157 -11.00 4.52 19.52
CA ILE C 157 -11.23 3.08 19.31
C ILE C 157 -12.66 2.85 18.89
N GLU C 158 -13.62 3.47 19.59
CA GLU C 158 -15.02 3.40 19.17
C GLU C 158 -15.14 3.70 17.68
N GLN C 159 -14.64 4.87 17.25
CA GLN C 159 -14.70 5.23 15.84
C GLN C 159 -14.12 4.13 14.96
N TRP C 160 -12.97 3.58 15.34
CA TRP C 160 -12.38 2.50 14.56
C TRP C 160 -13.35 1.33 14.42
N SER C 161 -13.67 0.64 15.51
CA SER C 161 -14.53 -0.54 15.41
C SER C 161 -15.78 -0.24 14.59
N LYS C 162 -16.49 0.84 14.93
CA LYS C 162 -17.77 1.11 14.28
C LYS C 162 -17.59 1.35 12.79
N ASP C 163 -16.60 2.17 12.41
CA ASP C 163 -16.40 2.48 11.00
C ASP C 163 -15.95 1.25 10.22
N LEU C 164 -15.08 0.44 10.82
CA LEU C 164 -14.63 -0.80 10.21
C LEU C 164 -15.81 -1.71 9.90
N SER C 165 -16.49 -2.20 10.94
CA SER C 165 -17.60 -3.12 10.71
C SER C 165 -18.68 -2.49 9.85
N ASP C 166 -18.83 -1.16 9.92
CA ASP C 166 -19.84 -0.46 9.14
C ASP C 166 -19.28 -0.08 7.77
N VAL C 167 -18.79 1.16 7.64
CA VAL C 167 -18.36 1.68 6.35
C VAL C 167 -17.08 0.97 5.92
N LYS C 168 -17.23 -0.28 5.46
CA LYS C 168 -16.15 -0.96 4.76
C LYS C 168 -16.38 -1.04 3.26
N ILE C 169 -17.64 -1.04 2.82
CA ILE C 169 -17.99 -0.92 1.41
C ILE C 169 -17.26 -1.98 0.60
N PRO C 170 -17.79 -3.20 0.51
CA PRO C 170 -17.19 -4.19 -0.40
C PRO C 170 -17.17 -3.69 -1.83
N SER C 171 -15.98 -3.66 -2.41
CA SER C 171 -15.78 -3.13 -3.76
C SER C 171 -16.28 -4.16 -4.76
N TYR C 172 -17.47 -3.93 -5.30
CA TYR C 172 -18.09 -4.87 -6.22
C TYR C 172 -17.56 -4.70 -7.63
N GLU C 173 -17.31 -5.82 -8.31
CA GLU C 173 -16.87 -5.82 -9.70
C GLU C 173 -17.36 -7.09 -10.35
N LEU C 174 -18.25 -6.97 -11.34
CA LEU C 174 -18.87 -8.12 -11.96
C LEU C 174 -18.99 -7.95 -13.48
N PRO C 175 -18.20 -8.68 -14.28
CA PRO C 175 -18.37 -8.61 -15.74
C PRO C 175 -19.71 -9.13 -16.21
N LYS C 176 -19.97 -9.01 -17.50
CA LYS C 176 -21.21 -9.51 -18.10
C LYS C 176 -20.94 -10.81 -18.86
N LEU C 190 -19.33 -16.36 -42.94
CA LEU C 190 -18.41 -16.01 -44.00
C LEU C 190 -19.15 -15.23 -45.09
N THR C 191 -18.41 -14.53 -45.95
CA THR C 191 -18.97 -13.53 -46.84
C THR C 191 -18.93 -14.00 -48.29
N ALA C 192 -20.12 -14.24 -48.87
CA ALA C 192 -20.29 -14.39 -50.31
C ALA C 192 -19.43 -15.51 -50.89
N THR C 193 -19.37 -16.64 -50.17
CA THR C 193 -18.64 -17.80 -50.66
C THR C 193 -19.29 -19.06 -50.09
N THR C 194 -19.45 -20.08 -50.94
CA THR C 194 -20.09 -21.33 -50.54
C THR C 194 -19.84 -22.37 -51.63
N LYS C 195 -19.83 -23.64 -51.23
CA LYS C 195 -19.72 -24.74 -52.18
C LYS C 195 -20.68 -24.55 -53.35
N GLU C 196 -21.97 -24.40 -53.04
CA GLU C 196 -22.98 -24.28 -54.09
C GLU C 196 -22.70 -23.10 -55.01
N SER C 197 -21.98 -22.08 -54.53
CA SER C 197 -21.67 -20.93 -55.36
C SER C 197 -20.64 -21.29 -56.43
N ILE C 198 -19.53 -21.92 -56.00
CA ILE C 198 -18.46 -22.26 -56.95
C ILE C 198 -18.90 -23.38 -57.88
N HIS C 199 -19.55 -24.41 -57.33
CA HIS C 199 -20.07 -25.47 -58.18
C HIS C 199 -21.17 -24.96 -59.10
N SER C 200 -21.89 -23.91 -58.69
CA SER C 200 -22.88 -23.30 -59.57
C SER C 200 -22.22 -22.49 -60.67
N ASP C 201 -21.07 -21.88 -60.38
CA ASP C 201 -20.34 -21.16 -61.43
C ASP C 201 -19.76 -22.14 -62.44
N PHE C 202 -18.98 -23.11 -61.96
CA PHE C 202 -18.39 -24.10 -62.86
C PHE C 202 -19.46 -24.85 -63.64
N GLN C 203 -20.50 -25.32 -62.95
CA GLN C 203 -21.60 -25.99 -63.63
C GLN C 203 -22.27 -25.07 -64.64
N LYS C 204 -22.41 -23.79 -64.31
CA LYS C 204 -22.98 -22.84 -65.27
C LYS C 204 -22.15 -22.79 -66.54
N ARG C 205 -20.82 -22.76 -66.39
CA ARG C 205 -19.95 -22.73 -67.56
C ARG C 205 -20.11 -24.01 -68.37
N VAL C 206 -20.02 -25.17 -67.71
CA VAL C 206 -20.16 -26.46 -68.39
C VAL C 206 -21.49 -26.52 -69.14
N ASP C 207 -22.55 -25.94 -68.57
CA ASP C 207 -23.87 -26.04 -69.17
C ASP C 207 -24.01 -25.09 -70.36
N GLY C 208 -23.57 -23.85 -70.22
CA GLY C 208 -23.58 -22.95 -71.36
C GLY C 208 -22.78 -23.51 -72.52
N LEU C 209 -21.53 -23.88 -72.26
CA LEU C 209 -20.69 -24.47 -73.31
C LEU C 209 -21.36 -25.71 -73.90
N GLN C 210 -21.81 -26.63 -73.05
CA GLN C 210 -22.43 -27.84 -73.54
C GLN C 210 -23.61 -27.54 -74.45
N GLU C 211 -24.39 -26.51 -74.11
CA GLU C 211 -25.55 -26.16 -74.93
C GLU C 211 -25.11 -25.59 -76.28
N THR C 212 -24.13 -24.68 -76.28
CA THR C 212 -23.61 -24.18 -77.55
C THR C 212 -23.10 -25.33 -78.42
N THR C 213 -22.36 -26.27 -77.83
CA THR C 213 -21.89 -27.42 -78.57
C THR C 213 -23.05 -28.20 -79.17
N ARG C 214 -24.06 -28.52 -78.35
CA ARG C 214 -25.26 -29.15 -78.90
C ARG C 214 -25.81 -28.37 -80.08
N LEU C 215 -25.71 -27.04 -80.04
CA LEU C 215 -26.25 -26.24 -81.13
C LEU C 215 -25.42 -26.42 -82.40
N LEU C 216 -24.10 -26.45 -82.29
CA LEU C 216 -23.27 -26.66 -83.47
C LEU C 216 -23.44 -28.06 -84.03
N LYS C 217 -23.27 -29.08 -83.18
CA LYS C 217 -23.44 -30.45 -83.64
C LYS C 217 -24.81 -30.67 -84.27
N SER C 218 -25.87 -30.24 -83.58
CA SER C 218 -27.22 -30.41 -84.12
C SER C 218 -27.38 -29.65 -85.43
N SER C 219 -26.74 -28.47 -85.54
CA SER C 219 -26.80 -27.73 -86.79
C SER C 219 -26.19 -28.53 -87.93
N SER C 220 -25.06 -29.20 -87.68
CA SER C 220 -24.46 -30.05 -88.70
C SER C 220 -25.32 -31.28 -89.00
N ILE C 221 -26.00 -31.82 -87.99
CA ILE C 221 -26.87 -32.98 -88.21
C ILE C 221 -28.02 -32.60 -89.13
N LEU C 222 -28.83 -31.62 -88.71
CA LEU C 222 -29.92 -31.14 -89.57
C LEU C 222 -29.39 -30.72 -90.92
N LEU C 223 -28.16 -30.21 -90.97
CA LEU C 223 -27.54 -29.84 -92.23
C LEU C 223 -27.41 -31.05 -93.16
N ASN C 224 -26.80 -32.13 -92.66
CA ASN C 224 -26.64 -33.34 -93.46
C ASN C 224 -27.97 -34.07 -93.69
N GLU C 225 -29.00 -33.77 -92.90
CA GLU C 225 -30.33 -34.28 -93.24
C GLU C 225 -30.92 -33.51 -94.40
N THR C 226 -30.74 -32.19 -94.43
CA THR C 226 -31.11 -31.40 -95.59
C THR C 226 -30.42 -31.98 -96.82
N ALA C 227 -29.09 -31.83 -96.89
CA ALA C 227 -28.34 -32.37 -98.02
C ALA C 227 -28.77 -33.80 -98.33
N GLY C 228 -28.99 -34.60 -97.29
CA GLY C 228 -29.51 -35.94 -97.46
C GLY C 228 -30.74 -35.95 -98.35
N MET C 229 -31.80 -35.28 -97.92
CA MET C 229 -33.02 -35.15 -98.72
C MET C 229 -32.70 -34.73 -100.15
N LYS C 230 -32.06 -33.56 -100.28
CA LYS C 230 -31.75 -32.99 -101.60
C LYS C 230 -31.22 -34.08 -102.52
N LEU C 231 -30.30 -34.90 -102.00
CA LEU C 231 -29.73 -35.97 -102.81
C LEU C 231 -30.67 -37.14 -102.96
N GLN C 232 -31.52 -37.42 -101.98
CA GLN C 232 -32.46 -38.52 -102.12
C GLN C 232 -33.40 -38.31 -103.29
N ARG C 233 -33.77 -37.06 -103.55
CA ARG C 233 -34.55 -36.76 -104.75
C ARG C 233 -33.71 -36.37 -105.95
N LEU C 234 -32.41 -36.14 -105.77
CA LEU C 234 -31.50 -35.89 -106.89
C LEU C 234 -30.64 -37.10 -107.23
N ASN C 235 -31.04 -38.29 -106.77
CA ASN C 235 -30.38 -39.53 -107.12
C ASN C 235 -31.30 -40.50 -107.86
N GLY C 236 -32.59 -40.18 -107.99
CA GLY C 236 -33.53 -41.04 -108.67
C GLY C 236 -33.95 -40.49 -110.02
N CYS C 237 -33.56 -39.25 -110.32
CA CYS C 237 -33.86 -38.67 -111.62
C CYS C 237 -33.11 -39.40 -112.73
N ILE C 238 -31.91 -39.90 -112.46
CA ILE C 238 -31.08 -40.52 -113.48
C ILE C 238 -31.19 -42.03 -113.34
N VAL C 239 -30.77 -42.56 -112.19
CA VAL C 239 -31.06 -43.93 -111.71
C VAL C 239 -29.84 -44.87 -111.56
N LYS C 240 -29.05 -45.16 -112.61
CA LYS C 240 -28.97 -44.40 -113.87
C LYS C 240 -29.63 -45.06 -115.08
N LYS C 241 -29.60 -44.34 -116.19
CA LYS C 241 -29.99 -44.84 -117.50
C LYS C 241 -28.85 -44.55 -118.47
N ARG C 242 -29.07 -44.86 -119.75
CA ARG C 242 -28.08 -44.59 -120.79
C ARG C 242 -28.74 -44.02 -122.04
N VAL D 5 37.71 33.07 60.82
CA VAL D 5 36.39 32.86 60.25
C VAL D 5 35.32 33.31 61.24
N ASP D 6 34.06 33.24 60.82
CA ASP D 6 32.93 33.52 61.69
C ASP D 6 32.29 32.21 62.15
N LYS D 7 31.67 32.26 63.32
CA LYS D 7 31.19 31.04 63.97
C LYS D 7 30.02 31.43 64.88
N LEU D 8 28.81 31.14 64.44
CA LEU D 8 27.59 31.38 65.22
C LEU D 8 27.05 30.05 65.71
N ASP D 9 27.15 29.82 67.03
CA ASP D 9 26.66 28.59 67.62
C ASP D 9 25.14 28.60 67.69
N ILE D 10 24.54 27.45 67.40
CA ILE D 10 23.09 27.31 67.40
C ILE D 10 22.69 26.18 68.34
N THR D 11 21.45 26.25 68.81
CA THR D 11 20.76 25.11 69.39
C THR D 11 19.54 24.78 68.53
N GLN D 12 19.23 23.48 68.46
CA GLN D 12 18.08 23.04 67.67
C GLN D 12 16.85 23.88 67.99
N LYS D 13 16.62 24.17 69.27
CA LYS D 13 15.45 24.95 69.63
C LYS D 13 15.55 26.38 69.11
N GLN D 14 16.75 26.96 69.07
CA GLN D 14 16.90 28.27 68.47
C GLN D 14 16.52 28.24 66.99
N LEU D 15 17.19 27.41 66.20
CA LEU D 15 16.97 27.47 64.76
C LEU D 15 15.52 27.09 64.42
N ARG D 16 14.97 26.09 65.10
CA ARG D 16 13.59 25.71 64.84
C ARG D 16 12.62 26.80 65.29
N PHE D 17 12.96 27.50 66.37
CA PHE D 17 12.14 28.63 66.83
C PHE D 17 12.11 29.73 65.77
N LEU D 18 13.29 30.14 65.29
CA LEU D 18 13.36 31.14 64.23
C LEU D 18 12.55 30.71 63.01
N HIS D 19 12.77 29.47 62.55
CA HIS D 19 12.02 28.97 61.40
C HIS D 19 10.51 29.11 61.63
N LYS D 20 10.05 28.66 62.81
CA LYS D 20 8.61 28.64 63.07
C LYS D 20 8.01 30.04 63.16
N GLN D 21 8.77 31.02 63.66
CA GLN D 21 8.23 32.37 63.68
C GLN D 21 8.33 33.05 62.32
N PHE D 22 9.31 32.69 61.50
CA PHE D 22 9.27 33.07 60.09
C PHE D 22 7.98 32.60 59.45
N LYS D 23 7.69 31.30 59.59
CA LYS D 23 6.43 30.76 59.08
C LYS D 23 5.23 31.47 59.69
N GLU D 24 5.34 31.90 60.94
CA GLU D 24 4.27 32.69 61.54
C GLU D 24 4.02 33.96 60.74
N ILE D 25 5.08 34.73 60.48
CA ILE D 25 4.92 35.98 59.74
C ILE D 25 4.37 35.71 58.34
N ILE D 26 5.01 34.79 57.61
CA ILE D 26 4.58 34.49 56.24
C ILE D 26 3.10 34.11 56.22
N ASP D 27 2.68 33.25 57.16
CA ASP D 27 1.27 32.92 57.29
C ASP D 27 0.44 34.18 57.49
N GLU D 28 0.86 35.05 58.43
CA GLU D 28 0.11 36.27 58.70
C GLU D 28 -0.14 37.07 57.44
N LYS D 29 0.88 37.21 56.57
CA LYS D 29 0.65 38.05 55.39
C LYS D 29 -0.11 37.29 54.30
N VAL D 30 0.25 36.04 54.02
CA VAL D 30 -0.48 35.29 52.99
C VAL D 30 -1.95 35.28 53.37
N ARG D 31 -2.27 35.49 54.65
CA ARG D 31 -3.66 35.61 55.09
C ARG D 31 -4.21 37.03 54.96
N THR D 32 -3.48 37.96 54.33
CA THR D 32 -4.04 39.26 53.99
C THR D 32 -4.17 39.46 52.49
N ALA D 33 -3.24 38.94 51.69
CA ALA D 33 -3.32 39.02 50.24
C ALA D 33 -4.28 38.00 49.64
N LEU D 34 -4.97 37.23 50.47
CA LEU D 34 -5.94 36.24 50.00
C LEU D 34 -6.74 35.70 51.18
N PRO D 35 -8.05 35.43 51.02
CA PRO D 35 -8.79 34.75 52.08
C PRO D 35 -8.27 33.34 52.36
N GLU D 36 -8.92 32.62 53.27
CA GLU D 36 -8.37 31.35 53.77
C GLU D 36 -8.59 30.18 52.83
N SER D 37 -9.51 30.28 51.86
CA SER D 37 -9.79 29.17 50.97
C SER D 37 -8.50 28.61 50.37
N SER D 38 -8.19 27.36 50.70
CA SER D 38 -6.96 26.71 50.26
C SER D 38 -7.27 25.75 49.11
N GLU D 39 -6.23 25.02 48.69
CA GLU D 39 -6.33 24.08 47.57
C GLU D 39 -6.68 24.84 46.29
N ASP D 40 -5.67 25.18 45.50
CA ASP D 40 -5.89 25.97 44.29
C ASP D 40 -5.07 25.51 43.08
N ASP D 41 -4.19 24.52 43.23
CA ASP D 41 -3.40 23.96 42.14
C ASP D 41 -2.21 24.85 41.81
N GLN D 42 -2.00 25.19 40.54
CA GLN D 42 -0.83 25.95 40.13
C GLN D 42 -0.75 27.32 40.80
N VAL D 43 -1.82 27.79 41.42
CA VAL D 43 -1.88 29.11 42.04
C VAL D 43 -2.03 28.94 43.55
N SER D 44 -1.54 29.95 44.29
CA SER D 44 -1.63 29.99 45.75
C SER D 44 -0.72 28.95 46.41
N GLN D 45 -0.92 27.70 46.02
CA GLN D 45 -0.26 26.56 46.62
C GLN D 45 1.17 26.42 46.09
N GLU D 46 1.36 26.74 44.81
CA GLU D 46 2.70 26.88 44.27
C GLU D 46 3.49 27.92 45.05
N ILE D 47 2.84 29.02 45.46
CA ILE D 47 3.51 30.02 46.28
C ILE D 47 3.98 29.39 47.59
N GLN D 48 3.07 28.69 48.27
CA GLN D 48 3.43 28.04 49.52
C GLN D 48 4.70 27.22 49.36
N LEU D 49 4.73 26.35 48.35
CA LEU D 49 5.93 25.54 48.11
C LEU D 49 7.14 26.43 47.88
N GLN D 50 7.04 27.34 46.90
CA GLN D 50 8.14 28.24 46.57
C GLN D 50 8.72 28.92 47.81
N LEU D 51 7.86 29.22 48.79
CA LEU D 51 8.32 29.83 50.03
C LEU D 51 9.01 28.81 50.93
N ASP D 52 8.50 27.57 50.96
CA ASP D 52 9.22 26.52 51.67
C ASP D 52 10.65 26.40 51.14
N GLN D 53 10.80 25.96 49.89
CA GLN D 53 12.14 25.81 49.34
C GLN D 53 12.93 27.11 49.40
N PHE D 54 12.24 28.26 49.41
CA PHE D 54 12.93 29.51 49.67
C PHE D 54 13.62 29.48 51.03
N LEU D 55 12.88 29.10 52.08
CA LEU D 55 13.49 29.01 53.40
C LEU D 55 14.56 27.92 53.44
N MET D 56 14.40 26.84 52.68
CA MET D 56 15.50 25.90 52.53
C MET D 56 16.76 26.61 52.07
N ASP D 57 16.66 27.36 50.97
CA ASP D 57 17.83 28.05 50.46
C ASP D 57 18.40 29.01 51.49
N VAL D 58 17.54 29.84 52.10
CA VAL D 58 18.00 30.81 53.08
C VAL D 58 18.78 30.13 54.19
N LEU D 59 18.16 29.14 54.83
CA LEU D 59 18.73 28.57 56.05
C LEU D 59 19.94 27.69 55.74
N GLU D 60 19.86 26.89 54.67
CA GLU D 60 21.05 26.16 54.22
C GLU D 60 22.21 27.12 54.01
N MET D 61 21.99 28.18 53.24
CA MET D 61 23.01 29.20 53.06
C MET D 61 23.51 29.72 54.39
N ALA D 62 22.61 29.86 55.37
CA ALA D 62 23.00 30.38 56.67
C ALA D 62 23.96 29.44 57.38
N GLY D 63 23.65 28.14 57.37
CA GLY D 63 24.49 27.15 58.03
C GLY D 63 25.90 27.07 57.47
N GLU D 64 26.18 27.76 56.36
CA GLU D 64 27.53 27.73 55.80
C GLU D 64 28.50 28.58 56.63
N SER D 65 28.05 29.76 57.05
CA SER D 65 28.85 30.61 57.93
C SER D 65 28.26 30.63 59.33
N MET D 66 27.95 29.44 59.87
CA MET D 66 27.22 29.32 61.12
C MET D 66 27.03 27.85 61.47
N ASN D 67 27.29 27.48 62.73
CA ASN D 67 27.31 26.09 63.14
C ASN D 67 26.29 25.82 64.25
N VAL D 68 26.12 24.54 64.55
CA VAL D 68 25.21 24.07 65.59
C VAL D 68 26.03 23.46 66.72
N VAL D 69 25.47 23.51 67.93
CA VAL D 69 26.09 22.89 69.09
C VAL D 69 25.06 21.99 69.76
N ASP D 70 24.83 20.81 69.17
CA ASP D 70 23.98 19.78 69.76
C ASP D 70 24.42 18.43 69.23
N ALA D 71 24.61 18.34 67.91
CA ALA D 71 25.33 17.26 67.26
C ALA D 71 26.57 17.85 66.60
N GLY D 72 27.23 17.04 65.78
CA GLY D 72 28.48 17.45 65.16
C GLY D 72 28.36 18.59 64.17
N LYS D 73 28.72 19.80 64.61
CA LYS D 73 28.82 20.96 63.71
C LYS D 73 27.47 21.20 63.04
N GLY D 74 27.48 21.66 61.78
CA GLY D 74 26.27 21.97 61.06
C GLY D 74 25.58 20.76 60.47
N THR D 75 25.74 19.61 61.11
CA THR D 75 25.02 18.41 60.72
C THR D 75 23.62 18.40 61.34
N THR D 76 22.67 17.83 60.59
CA THR D 76 21.29 17.63 61.03
C THR D 76 20.45 18.90 60.81
N VAL D 77 21.09 20.05 60.57
CA VAL D 77 20.33 21.28 60.37
C VAL D 77 19.27 21.07 59.29
N LYS D 78 19.66 20.46 58.17
CA LYS D 78 18.71 20.18 57.11
C LYS D 78 17.73 19.09 57.52
N SER D 79 18.13 18.21 58.44
CA SER D 79 17.23 17.16 58.93
C SER D 79 16.14 17.72 59.84
N VAL D 80 16.38 18.87 60.48
CA VAL D 80 15.37 19.49 61.31
C VAL D 80 14.55 20.51 60.51
N ILE D 81 15.16 21.20 59.56
CA ILE D 81 14.37 21.94 58.58
C ILE D 81 13.40 20.99 57.88
N GLN D 82 13.87 19.78 57.60
CA GLN D 82 13.06 18.78 56.92
C GLN D 82 12.14 18.03 57.86
N GLU D 83 12.44 18.01 59.16
CA GLU D 83 11.53 17.40 60.12
C GLU D 83 10.36 18.35 60.43
N VAL D 84 10.64 19.65 60.52
CA VAL D 84 9.55 20.62 60.61
C VAL D 84 8.80 20.66 59.28
N GLN D 85 9.53 20.46 58.18
CA GLN D 85 8.87 20.31 56.88
C GLN D 85 7.84 19.19 56.93
N LYS D 86 8.29 17.95 57.18
CA LYS D 86 7.36 16.83 57.28
C LYS D 86 6.28 17.08 58.33
N GLU D 87 6.61 17.85 59.37
CA GLU D 87 5.61 18.21 60.37
C GLU D 87 4.47 19.01 59.75
N TYR D 88 4.62 19.46 58.51
CA TYR D 88 3.50 20.03 57.76
C TYR D 88 2.71 18.94 57.06
N THR D 89 3.09 18.59 55.83
CA THR D 89 2.24 17.73 55.02
C THR D 89 3.08 16.79 54.17
N GLU D 90 2.75 16.67 52.89
CA GLU D 90 3.25 15.62 52.01
C GLU D 90 3.03 14.21 52.58
N PRO D 91 1.76 13.86 52.93
CA PRO D 91 1.42 12.43 53.00
C PRO D 91 1.14 11.86 51.62
N PHE D 92 2.11 11.15 51.06
CA PHE D 92 1.98 10.60 49.73
C PHE D 92 0.67 9.84 49.61
N ASP D 93 -0.42 10.56 49.31
CA ASP D 93 -1.76 10.01 49.34
C ASP D 93 -1.82 8.74 48.49
N VAL D 94 -1.74 7.59 49.15
CA VAL D 94 -1.59 6.31 48.44
C VAL D 94 -2.68 6.12 47.40
N GLU D 95 -3.89 6.60 47.66
CA GLU D 95 -5.00 6.32 46.77
C GLU D 95 -4.86 7.08 45.46
N LEU D 96 -4.57 8.38 45.52
CA LEU D 96 -4.35 9.15 44.29
C LEU D 96 -3.15 8.62 43.52
N ASN D 97 -2.06 8.32 44.23
CA ASN D 97 -0.90 7.76 43.53
C ASN D 97 -1.24 6.41 42.91
N GLU D 98 -2.08 5.62 43.58
CA GLU D 98 -2.60 4.39 42.97
C GLU D 98 -3.40 4.72 41.71
N LYS D 99 -4.26 5.73 41.77
CA LYS D 99 -4.95 6.18 40.56
C LYS D 99 -3.96 6.59 39.48
N VAL D 100 -2.86 7.24 39.88
CA VAL D 100 -1.83 7.62 38.92
C VAL D 100 -1.29 6.39 38.19
N ARG D 101 -0.92 5.35 38.95
CA ARG D 101 -0.41 4.15 38.29
C ARG D 101 -1.47 3.50 37.42
N LYS D 102 -2.69 3.32 37.94
CA LYS D 102 -3.74 2.69 37.17
C LYS D 102 -3.96 3.41 35.85
N LEU D 103 -4.10 4.73 35.88
CA LEU D 103 -4.35 5.48 34.66
C LEU D 103 -3.12 5.62 33.79
N TYR D 104 -1.93 5.42 34.35
CA TYR D 104 -0.70 5.51 33.55
C TYR D 104 -0.49 4.24 32.76
N GLN D 105 -0.61 3.08 33.42
CA GLN D 105 -0.55 1.81 32.70
C GLN D 105 -1.75 1.65 31.77
N GLU D 106 -2.93 2.07 32.21
CA GLU D 106 -4.09 2.10 31.33
C GLU D 106 -3.83 2.98 30.12
N TRP D 107 -3.17 4.12 30.33
CA TRP D 107 -2.79 4.99 29.22
C TRP D 107 -1.88 4.26 28.24
N GLU D 108 -0.81 3.63 28.75
CA GLU D 108 0.09 2.87 27.87
C GLU D 108 -0.69 1.83 27.08
N ASP D 109 -1.52 1.05 27.76
CA ASP D 109 -2.22 -0.06 27.11
C ASP D 109 -3.16 0.45 26.01
N GLU D 110 -4.05 1.38 26.36
CA GLU D 110 -4.95 1.94 25.36
C GLU D 110 -4.17 2.53 24.19
N THR D 111 -3.04 3.17 24.47
CA THR D 111 -2.19 3.68 23.40
C THR D 111 -1.77 2.57 22.45
N VAL D 112 -1.13 1.52 22.99
CA VAL D 112 -0.73 0.40 22.15
C VAL D 112 -1.91 -0.10 21.34
N LYS D 113 -3.10 -0.12 21.95
CA LYS D 113 -4.28 -0.62 21.27
C LYS D 113 -4.60 0.23 20.05
N VAL D 114 -4.76 1.55 20.23
CA VAL D 114 -5.06 2.39 19.08
C VAL D 114 -3.97 2.29 18.02
N SER D 115 -2.72 2.08 18.42
CA SER D 115 -1.67 1.88 17.43
C SER D 115 -1.95 0.65 16.57
N LYS D 116 -2.01 -0.53 17.22
CA LYS D 116 -2.24 -1.75 16.46
C LYS D 116 -3.56 -1.73 15.72
N LEU D 117 -4.49 -0.86 16.09
CA LEU D 117 -5.68 -0.65 15.27
C LEU D 117 -5.33 0.15 14.02
N ARG D 118 -4.68 1.30 14.21
CA ARG D 118 -4.29 2.15 13.08
C ARG D 118 -3.60 1.35 11.99
N ARG D 119 -2.81 0.33 12.36
CA ARG D 119 -2.23 -0.51 11.31
C ARG D 119 -3.08 -1.75 11.02
N GLU D 120 -3.25 -2.60 12.03
CA GLU D 120 -3.83 -3.92 11.80
C GLU D 120 -5.19 -3.82 11.15
N ALA D 121 -6.03 -2.86 11.60
CA ALA D 121 -7.40 -2.81 11.11
C ALA D 121 -7.45 -2.47 9.62
N PRO D 122 -6.91 -1.32 9.16
CA PRO D 122 -6.90 -1.08 7.71
C PRO D 122 -6.26 -2.21 6.93
N GLN D 123 -5.06 -2.65 7.33
CA GLN D 123 -4.37 -3.67 6.55
C GLN D 123 -5.16 -4.98 6.45
N VAL D 124 -5.90 -5.36 7.51
CA VAL D 124 -6.64 -6.61 7.44
C VAL D 124 -7.91 -6.44 6.62
N ALA D 125 -8.58 -5.29 6.72
CA ALA D 125 -9.72 -5.03 5.86
C ALA D 125 -9.31 -5.14 4.39
N VAL D 126 -8.28 -4.38 3.99
CA VAL D 126 -7.84 -4.41 2.60
C VAL D 126 -7.35 -5.80 2.23
N SER D 127 -6.75 -6.54 3.17
CA SER D 127 -6.32 -7.89 2.85
C SER D 127 -7.51 -8.77 2.49
N GLU D 128 -8.53 -8.77 3.34
CA GLU D 128 -9.73 -9.56 3.07
C GLU D 128 -10.33 -9.20 1.71
N TYR D 129 -10.49 -7.90 1.43
CA TYR D 129 -11.02 -7.60 0.09
C TYR D 129 -10.04 -8.11 -0.96
N THR D 130 -8.88 -7.48 -1.09
CA THR D 130 -7.90 -7.88 -2.10
C THR D 130 -7.83 -9.39 -2.31
N LYS D 131 -8.17 -10.18 -1.28
CA LYS D 131 -8.15 -11.64 -1.44
C LYS D 131 -9.45 -12.18 -2.04
N GLN D 132 -10.61 -11.75 -1.55
CA GLN D 132 -11.86 -12.24 -2.14
C GLN D 132 -12.20 -11.51 -3.43
N GLU D 133 -12.19 -10.18 -3.41
CA GLU D 133 -12.40 -9.33 -4.57
C GLU D 133 -11.34 -9.47 -5.64
N ASN D 134 -10.46 -10.49 -5.60
CA ASN D 134 -9.63 -10.81 -6.75
C ASN D 134 -10.19 -12.00 -7.53
N GLN D 135 -11.35 -12.53 -7.12
CA GLN D 135 -11.96 -13.66 -7.81
C GLN D 135 -12.29 -13.34 -9.26
N LEU D 136 -12.04 -12.10 -9.69
CA LEU D 136 -12.11 -11.82 -11.12
C LEU D 136 -11.20 -12.77 -11.89
N LEU D 137 -10.13 -13.25 -11.25
CA LEU D 137 -9.26 -14.21 -11.92
C LEU D 137 -9.88 -15.59 -12.08
N GLU D 138 -10.93 -15.93 -11.32
CA GLU D 138 -11.77 -17.04 -11.73
C GLU D 138 -12.28 -16.80 -13.15
N GLU D 139 -12.93 -15.64 -13.33
CA GLU D 139 -13.43 -15.25 -14.65
C GLU D 139 -12.27 -14.99 -15.61
N ILE D 140 -11.39 -14.04 -15.26
CA ILE D 140 -10.35 -13.61 -16.20
C ILE D 140 -9.44 -14.76 -16.57
N ASP D 141 -8.85 -15.42 -15.57
CA ASP D 141 -7.93 -16.51 -15.88
C ASP D 141 -8.63 -17.80 -16.30
N SER D 142 -9.94 -17.93 -16.07
CA SER D 142 -10.69 -18.94 -16.81
C SER D 142 -10.64 -18.64 -18.31
N LEU D 143 -10.95 -17.40 -18.69
CA LEU D 143 -10.81 -16.97 -20.07
C LEU D 143 -9.40 -17.26 -20.58
N ILE D 144 -8.40 -16.51 -20.12
CA ILE D 144 -7.04 -16.65 -20.67
C ILE D 144 -6.56 -18.09 -20.59
N ALA D 145 -6.99 -18.84 -19.57
CA ALA D 145 -6.68 -20.27 -19.55
C ALA D 145 -7.36 -21.01 -20.69
N LYS D 146 -8.44 -20.46 -21.24
CA LYS D 146 -9.10 -21.04 -22.39
C LYS D 146 -8.58 -20.49 -23.73
N MET D 147 -8.05 -19.26 -23.73
CA MET D 147 -7.66 -18.61 -24.98
C MET D 147 -6.72 -19.49 -25.80
N ASP D 148 -5.90 -20.30 -25.13
CA ASP D 148 -4.99 -21.22 -25.81
C ASP D 148 -5.75 -22.50 -26.11
N SER D 149 -6.13 -22.69 -27.37
CA SER D 149 -6.91 -23.84 -27.81
C SER D 149 -6.16 -24.55 -28.93
N SER D 150 -6.09 -25.87 -28.84
CA SER D 150 -5.41 -26.68 -29.85
C SER D 150 -6.43 -27.41 -30.72
N LYS D 167 -21.47 -39.78 -53.08
CA LYS D 167 -22.31 -39.56 -54.24
C LYS D 167 -21.85 -38.36 -55.06
N THR D 168 -21.00 -37.53 -54.45
CA THR D 168 -20.48 -36.37 -55.15
C THR D 168 -19.53 -36.80 -56.27
N GLN D 169 -18.74 -37.85 -56.03
CA GLN D 169 -17.87 -38.38 -57.08
C GLN D 169 -18.66 -38.67 -58.35
N GLU D 170 -19.87 -39.22 -58.20
CA GLU D 170 -20.74 -39.41 -59.34
C GLU D 170 -20.86 -38.11 -60.13
N TYR D 171 -21.37 -37.06 -59.49
CA TYR D 171 -21.56 -35.77 -60.15
C TYR D 171 -20.29 -35.31 -60.85
N TRP D 172 -19.15 -35.39 -60.15
CA TRP D 172 -17.88 -35.01 -60.77
C TRP D 172 -17.66 -35.76 -62.08
N ASN D 173 -17.74 -37.09 -62.02
CA ASN D 173 -17.59 -37.89 -63.24
C ASN D 173 -18.65 -37.54 -64.28
N GLN D 174 -19.77 -36.94 -63.87
CA GLN D 174 -20.82 -36.61 -64.81
C GLN D 174 -20.49 -35.34 -65.59
N VAL D 175 -20.13 -34.25 -64.90
CA VAL D 175 -19.66 -33.07 -65.62
C VAL D 175 -18.43 -33.43 -66.45
N ALA D 176 -17.60 -34.33 -65.94
CA ALA D 176 -16.48 -34.83 -66.73
C ALA D 176 -16.98 -35.48 -68.02
N ASN D 177 -18.00 -36.32 -67.92
CA ASN D 177 -18.58 -36.92 -69.11
C ASN D 177 -19.22 -35.88 -70.03
N GLN D 178 -19.60 -34.72 -69.49
CA GLN D 178 -20.07 -33.63 -70.34
C GLN D 178 -18.91 -33.03 -71.12
N TYR D 179 -17.78 -32.82 -70.45
CA TYR D 179 -16.57 -32.38 -71.14
C TYR D 179 -16.20 -33.35 -72.26
N GLY D 180 -16.12 -34.65 -71.92
CA GLY D 180 -15.82 -35.65 -72.94
C GLY D 180 -16.86 -35.71 -74.04
N SER D 181 -18.12 -35.41 -73.72
CA SER D 181 -19.16 -35.36 -74.74
C SER D 181 -18.92 -34.21 -75.71
N ILE D 182 -18.53 -33.04 -75.17
CA ILE D 182 -18.16 -31.93 -76.04
C ILE D 182 -16.99 -32.33 -76.93
N LEU D 183 -16.01 -33.05 -76.38
CA LEU D 183 -14.89 -33.51 -77.17
C LEU D 183 -15.36 -34.42 -78.30
N THR D 184 -16.20 -35.39 -77.99
CA THR D 184 -16.82 -36.22 -79.02
C THR D 184 -17.42 -35.33 -80.10
N SER D 185 -18.25 -34.37 -79.72
CA SER D 185 -18.82 -33.44 -80.70
C SER D 185 -17.75 -32.81 -81.56
N LEU D 186 -16.58 -32.52 -80.97
CA LEU D 186 -15.48 -31.94 -81.74
C LEU D 186 -15.05 -32.91 -82.84
N LYS D 187 -14.64 -34.13 -82.47
CA LYS D 187 -14.18 -35.05 -83.51
C LYS D 187 -15.25 -35.31 -84.55
N GLU D 188 -16.50 -35.47 -84.12
CA GLU D 188 -17.58 -35.74 -85.06
C GLU D 188 -17.72 -34.61 -86.07
N ILE D 189 -17.82 -33.36 -85.58
CA ILE D 189 -17.97 -32.23 -86.47
C ILE D 189 -16.75 -32.07 -87.36
N ASN D 190 -15.57 -32.49 -86.87
CA ASN D 190 -14.37 -32.38 -87.68
C ASN D 190 -14.35 -33.42 -88.80
N ASP D 191 -14.90 -34.61 -88.56
CA ASP D 191 -15.03 -35.60 -89.63
C ASP D 191 -16.16 -35.29 -90.59
N LYS D 192 -17.16 -34.52 -90.16
CA LYS D 192 -18.32 -34.21 -90.98
C LYS D 192 -18.25 -32.86 -91.66
N ILE D 193 -17.16 -32.11 -91.50
CA ILE D 193 -17.06 -30.80 -92.14
C ILE D 193 -16.44 -30.95 -93.53
N PRO D 194 -15.61 -31.98 -93.82
CA PRO D 194 -15.18 -32.16 -95.21
C PRO D 194 -16.25 -32.80 -96.06
N THR D 195 -16.85 -33.88 -95.52
CA THR D 195 -17.85 -34.63 -96.24
C THR D 195 -18.95 -33.72 -96.76
N HIS D 196 -19.46 -32.82 -95.90
CA HIS D 196 -20.53 -31.93 -96.32
C HIS D 196 -20.05 -30.91 -97.34
N GLU D 197 -18.76 -30.57 -97.33
CA GLU D 197 -18.21 -29.74 -98.41
C GLU D 197 -18.29 -30.48 -99.74
N SER D 198 -17.85 -31.74 -99.75
CA SER D 198 -17.88 -32.51 -100.99
C SER D 198 -19.30 -32.67 -101.50
N LYS D 199 -20.20 -33.14 -100.63
CA LYS D 199 -21.59 -33.37 -101.04
C LYS D 199 -22.26 -32.07 -101.45
N GLN D 200 -21.98 -30.97 -100.73
CA GLN D 200 -22.18 -29.64 -101.31
C GLN D 200 -21.85 -29.57 -102.78
N LYS D 201 -20.55 -29.60 -103.07
CA LYS D 201 -20.06 -29.41 -104.43
C LYS D 201 -20.92 -30.22 -105.39
N ARG D 202 -21.21 -31.46 -104.99
CA ARG D 202 -22.05 -32.34 -105.81
C ARG D 202 -23.41 -31.71 -106.05
N LEU D 203 -24.10 -31.27 -105.00
CA LEU D 203 -25.48 -30.81 -105.18
C LEU D 203 -25.54 -29.50 -105.95
N ARG D 204 -24.56 -28.61 -105.77
CA ARG D 204 -24.58 -27.37 -106.55
C ARG D 204 -24.33 -27.67 -108.02
N LEU D 205 -23.38 -28.57 -108.31
CA LEU D 205 -23.21 -29.02 -109.68
C LEU D 205 -24.52 -29.56 -110.24
N LEU D 206 -25.20 -30.43 -109.48
CA LEU D 206 -26.46 -31.00 -109.93
C LEU D 206 -27.49 -29.92 -110.23
N LEU D 207 -27.63 -28.94 -109.32
CA LEU D 207 -28.58 -27.86 -109.55
C LEU D 207 -28.27 -27.09 -110.82
N ASP D 208 -26.97 -26.89 -111.11
CA ASP D 208 -26.62 -26.29 -112.39
C ASP D 208 -26.86 -27.25 -113.56
N LEU D 209 -27.02 -28.55 -113.27
CA LEU D 209 -27.30 -29.52 -114.32
C LEU D 209 -28.79 -29.68 -114.61
N ILE D 210 -29.66 -29.31 -113.67
CA ILE D 210 -31.10 -29.36 -113.96
C ILE D 210 -31.47 -28.29 -114.97
N GLU D 211 -30.95 -27.07 -114.78
CA GLU D 211 -31.18 -26.01 -115.77
C GLU D 211 -30.70 -26.43 -117.15
N LYS D 212 -29.76 -27.37 -117.22
CA LYS D 212 -29.22 -27.84 -118.49
C LYS D 212 -29.86 -29.13 -118.95
N GLU D 213 -30.61 -29.81 -118.08
CA GLU D 213 -31.57 -30.88 -118.37
C GLU D 213 -30.95 -32.28 -118.28
N VAL D 214 -29.69 -32.40 -117.88
CA VAL D 214 -29.06 -33.68 -117.50
C VAL D 214 -29.42 -34.80 -118.48
N ALA D 215 -29.01 -34.68 -119.74
CA ALA D 215 -29.32 -35.67 -120.76
C ALA D 215 -28.04 -36.12 -121.45
N THR D 216 -27.87 -37.43 -121.57
CA THR D 216 -26.77 -38.05 -122.31
C THR D 216 -25.46 -37.28 -122.13
#